data_5YWX
#
_entry.id   5YWX
#
_cell.length_a   47.040
_cell.length_b   48.170
_cell.length_c   92.110
_cell.angle_alpha   98.970
_cell.angle_beta   92.340
_cell.angle_gamma   90.010
#
_symmetry.space_group_name_H-M   'P 1'
#
loop_
_entity.id
_entity.type
_entity.pdbx_description
1 polymer 'Hematopoietic prostaglandin D synthase'
2 non-polymer GLUTATHIONE
3 non-polymer N-[4-(2-oxopyrrolidin-1-yl)phenyl]-2-(pyridin-2-yl)pyrimidine-5-carboxamide
4 non-polymer GLYCEROL
5 non-polymer 'MAGNESIUM ION'
6 water water
#
_entity_poly.entity_id   1
_entity_poly.type   'polypeptide(L)'
_entity_poly.pdbx_seq_one_letter_code
;PNYKLTYFNMRGRAEIIRYIFAYLDIQYEDHRIEQADWPEIKSTLPFGKIPILEVDGLTLHQSLAIARYLTKNTDLAGNT
EMEQCHVDAIVDTLDDFMSCFPWAEKKQDVKEQMFNELLTYNAPHLMQDLDTYLGGREWLIGNSVTWADFYWEICSTTLL
VFKPDLLDNHPRLVTLRKKVQAIPAVANWIKRRPQTKL
;
_entity_poly.pdbx_strand_id   A,B,C,D
#
loop_
_chem_comp.id
_chem_comp.type
_chem_comp.name
_chem_comp.formula
93C non-polymer N-[4-(2-oxopyrrolidin-1-yl)phenyl]-2-(pyridin-2-yl)pyrimidine-5-carboxamide 'C20 H17 N5 O2'
GOL non-polymer GLYCEROL 'C3 H8 O3'
GSH non-polymer GLUTATHIONE 'C10 H17 N3 O6 S'
MG non-polymer 'MAGNESIUM ION' 'Mg 2'
#
# COMPACT_ATOMS: atom_id res chain seq x y z
N PRO A 1 -10.16 -29.55 -11.99
CA PRO A 1 -9.72 -30.16 -10.76
C PRO A 1 -9.98 -29.29 -9.53
N ASN A 2 -9.57 -29.80 -8.38
CA ASN A 2 -9.51 -29.06 -7.15
C ASN A 2 -8.07 -28.53 -7.04
N TYR A 3 -7.94 -27.23 -6.77
CA TYR A 3 -6.66 -26.52 -6.73
C TYR A 3 -6.39 -25.97 -5.34
N LYS A 4 -5.18 -26.18 -4.82
CA LYS A 4 -4.81 -25.51 -3.57
C LYS A 4 -3.44 -24.90 -3.72
N LEU A 5 -3.40 -23.59 -3.62
CA LEU A 5 -2.17 -22.81 -3.79
C LEU A 5 -1.63 -22.52 -2.41
N THR A 6 -0.39 -22.87 -2.15
CA THR A 6 0.25 -22.59 -0.85
C THR A 6 1.37 -21.58 -1.05
N TYR A 7 1.33 -20.50 -0.27
CA TYR A 7 2.37 -19.47 -0.33
C TYR A 7 2.28 -18.72 0.98
N PHE A 8 3.19 -17.77 1.17
CA PHE A 8 3.09 -16.83 2.30
C PHE A 8 1.93 -15.88 2.11
N ASN A 9 1.57 -15.16 3.17
CA ASN A 9 0.58 -14.10 3.02
C ASN A 9 1.28 -12.85 2.43
N MET A 10 1.45 -12.88 1.13
CA MET A 10 2.22 -11.89 0.40
C MET A 10 1.87 -12.10 -1.05
N ARG A 11 1.97 -11.05 -1.84
CA ARG A 11 1.81 -11.20 -3.30
C ARG A 11 2.92 -12.12 -3.79
N GLY A 12 4.15 -11.56 -3.79
CA GLY A 12 5.37 -12.32 -4.05
C GLY A 12 5.30 -13.11 -5.33
N ARG A 13 5.76 -14.35 -5.26
CA ARG A 13 5.86 -15.25 -6.41
C ARG A 13 4.55 -15.98 -6.67
N ALA A 14 3.57 -15.82 -5.77
CA ALA A 14 2.31 -16.50 -5.97
C ALA A 14 1.38 -15.63 -6.81
N GLU A 15 1.62 -14.31 -6.85
CA GLU A 15 0.59 -13.38 -7.35
C GLU A 15 0.24 -13.64 -8.85
N ILE A 16 1.20 -14.00 -9.65
CA ILE A 16 0.97 -14.34 -11.07
C ILE A 16 -0.05 -15.48 -11.19
N ILE A 17 0.05 -16.44 -10.31
CA ILE A 17 -0.89 -17.56 -10.32
C ILE A 17 -2.27 -17.03 -9.90
N ARG A 18 -2.31 -16.19 -8.87
CA ARG A 18 -3.59 -15.67 -8.42
C ARG A 18 -4.26 -14.78 -9.48
N TYR A 19 -3.48 -14.05 -10.27
CA TYR A 19 -4.08 -13.22 -11.33
C TYR A 19 -4.70 -14.09 -12.40
N ILE A 20 -4.03 -15.20 -12.66
CA ILE A 20 -4.47 -16.06 -13.73
C ILE A 20 -5.78 -16.74 -13.31
N PHE A 21 -5.85 -17.26 -12.08
CA PHE A 21 -7.08 -17.84 -11.58
C PHE A 21 -8.22 -16.82 -11.61
N ALA A 22 -7.94 -15.57 -11.23
CA ALA A 22 -8.98 -14.51 -11.26
C ALA A 22 -9.46 -14.26 -12.73
N TYR A 23 -8.51 -14.10 -13.62
CA TYR A 23 -8.81 -13.76 -15.00
C TYR A 23 -9.64 -14.85 -15.66
N LEU A 24 -9.27 -16.10 -15.40
CA LEU A 24 -10.00 -17.27 -15.93
C LEU A 24 -11.23 -17.65 -15.14
N ASP A 25 -11.47 -16.96 -14.02
CA ASP A 25 -12.63 -17.20 -13.14
C ASP A 25 -12.66 -18.65 -12.70
N ILE A 26 -11.53 -19.08 -12.14
CA ILE A 26 -11.35 -20.41 -11.64
C ILE A 26 -11.22 -20.34 -10.12
N GLN A 27 -12.01 -21.16 -9.46
CA GLN A 27 -12.04 -21.19 -8.02
C GLN A 27 -10.82 -21.96 -7.55
N TYR A 28 -10.26 -21.53 -6.44
CA TYR A 28 -9.15 -22.28 -5.86
C TYR A 28 -9.04 -21.98 -4.37
N GLU A 29 -8.36 -22.84 -3.61
CA GLU A 29 -8.09 -22.49 -2.21
C GLU A 29 -6.79 -21.67 -2.14
N ASP A 30 -6.87 -20.43 -1.65
CA ASP A 30 -5.68 -19.56 -1.50
C ASP A 30 -5.09 -19.73 -0.12
N HIS A 31 -4.23 -20.74 0.07
CA HIS A 31 -3.69 -21.08 1.40
C HIS A 31 -2.46 -20.21 1.65
N ARG A 32 -2.58 -19.33 2.63
CA ARG A 32 -1.53 -18.43 3.01
C ARG A 32 -1.01 -18.83 4.38
N ILE A 33 0.27 -19.10 4.48
CA ILE A 33 0.89 -19.50 5.73
C ILE A 33 1.72 -18.38 6.38
N GLU A 34 1.95 -18.52 7.68
CA GLU A 34 2.84 -17.63 8.44
C GLU A 34 4.24 -18.21 8.48
N GLN A 35 5.23 -17.40 8.81
CA GLN A 35 6.60 -17.91 9.01
C GLN A 35 6.55 -19.15 9.92
N ALA A 36 5.84 -19.04 11.03
CA ALA A 36 5.73 -20.11 12.03
C ALA A 36 5.41 -21.48 11.41
N ASP A 37 4.59 -21.48 10.36
CA ASP A 37 4.20 -22.69 9.66
C ASP A 37 5.29 -23.22 8.73
N TRP A 38 6.31 -22.41 8.40
CA TRP A 38 7.25 -22.70 7.29
C TRP A 38 7.98 -24.05 7.37
N PRO A 39 8.54 -24.40 8.55
CA PRO A 39 9.29 -25.67 8.62
C PRO A 39 8.43 -26.90 8.41
N GLU A 40 7.18 -26.86 8.90
CA GLU A 40 6.28 -27.97 8.74
C GLU A 40 5.82 -28.09 7.27
N ILE A 41 5.55 -26.96 6.64
CA ILE A 41 5.13 -26.97 5.23
C ILE A 41 6.29 -27.47 4.37
N LYS A 42 7.48 -26.93 4.63
CA LYS A 42 8.67 -27.17 3.80
C LYS A 42 9.01 -28.65 3.69
N SER A 43 8.85 -29.36 4.79
CA SER A 43 9.16 -30.79 4.88
C SER A 43 8.35 -31.61 3.85
N THR A 44 7.21 -31.08 3.42
CA THR A 44 6.33 -31.75 2.47
C THR A 44 6.68 -31.46 1.01
N LEU A 45 7.41 -30.35 0.77
CA LEU A 45 7.62 -29.79 -0.57
C LEU A 45 8.71 -30.58 -1.30
N PRO A 46 8.66 -30.60 -2.64
CA PRO A 46 9.68 -31.37 -3.39
C PRO A 46 11.08 -30.77 -3.41
N PHE A 47 11.14 -29.45 -3.44
CA PHE A 47 12.41 -28.75 -3.54
C PHE A 47 12.55 -27.61 -2.56
N GLY A 48 11.88 -27.75 -1.43
CA GLY A 48 12.01 -26.82 -0.34
C GLY A 48 11.49 -25.43 -0.60
N LYS A 49 10.66 -25.26 -1.62
CA LYS A 49 10.20 -23.92 -2.00
C LYS A 49 8.71 -23.82 -2.28
N ILE A 50 8.18 -22.63 -2.00
CA ILE A 50 6.84 -22.23 -2.38
C ILE A 50 6.92 -21.03 -3.39
N PRO A 51 5.87 -20.83 -4.26
CA PRO A 51 4.58 -21.52 -4.14
C PRO A 51 4.58 -22.97 -4.64
N ILE A 52 3.62 -23.75 -4.13
CA ILE A 52 3.20 -24.99 -4.77
C ILE A 52 1.73 -24.87 -5.08
N LEU A 53 1.33 -25.62 -6.10
CA LEU A 53 -0.08 -25.73 -6.45
C LEU A 53 -0.41 -27.21 -6.45
N GLU A 54 -1.31 -27.60 -5.58
CA GLU A 54 -1.79 -28.98 -5.55
C GLU A 54 -3.00 -29.09 -6.45
N VAL A 55 -2.95 -30.06 -7.35
CA VAL A 55 -4.00 -30.24 -8.33
C VAL A 55 -4.50 -31.66 -8.24
N ASP A 56 -5.77 -31.86 -7.85
CA ASP A 56 -6.29 -33.21 -7.59
C ASP A 56 -5.30 -34.17 -6.90
N GLY A 57 -4.69 -33.71 -5.80
CA GLY A 57 -3.75 -34.49 -5.00
C GLY A 57 -2.28 -34.59 -5.39
N LEU A 58 -1.89 -34.00 -6.53
CA LEU A 58 -0.52 -34.02 -7.05
C LEU A 58 0.05 -32.62 -6.99
N THR A 59 1.32 -32.51 -6.69
CA THR A 59 1.92 -31.20 -6.45
C THR A 59 2.66 -30.68 -7.67
N LEU A 60 2.35 -29.44 -8.05
CA LEU A 60 3.17 -28.70 -8.97
C LEU A 60 3.95 -27.68 -8.17
N HIS A 61 5.15 -27.39 -8.64
CA HIS A 61 5.97 -26.33 -8.08
C HIS A 61 6.53 -25.41 -9.16
N GLN A 62 7.19 -24.35 -8.70
CA GLN A 62 7.80 -23.29 -9.54
C GLN A 62 6.73 -22.39 -10.12
N SER A 63 6.67 -21.16 -9.59
CA SER A 63 5.62 -20.21 -9.94
C SER A 63 5.39 -20.10 -11.45
N LEU A 64 6.47 -19.96 -12.25
CA LEU A 64 6.32 -19.70 -13.70
C LEU A 64 5.93 -20.96 -14.47
N ALA A 65 6.40 -22.11 -14.01
CA ALA A 65 5.95 -23.40 -14.59
C ALA A 65 4.45 -23.59 -14.36
N ILE A 66 4.00 -23.29 -13.14
CA ILE A 66 2.56 -23.33 -12.80
C ILE A 66 1.75 -22.31 -13.63
N ALA A 67 2.24 -21.08 -13.80
CA ALA A 67 1.48 -20.09 -14.52
C ALA A 67 1.35 -20.52 -15.98
N ARG A 68 2.42 -21.08 -16.56
CA ARG A 68 2.39 -21.54 -17.94
C ARG A 68 1.36 -22.66 -18.10
N TYR A 69 1.33 -23.55 -17.12
CA TYR A 69 0.42 -24.69 -17.13
C TYR A 69 -1.01 -24.24 -17.12
N LEU A 70 -1.31 -23.29 -16.23
CA LEU A 70 -2.66 -22.71 -16.12
C LEU A 70 -3.12 -21.94 -17.35
N THR A 71 -2.20 -21.27 -18.04
CA THR A 71 -2.58 -20.50 -19.25
C THR A 71 -2.61 -21.29 -20.56
N LYS A 72 -2.16 -22.54 -20.51
CA LYS A 72 -2.12 -23.36 -21.72
C LYS A 72 -3.53 -23.55 -22.26
N ASN A 73 -3.68 -23.39 -23.58
CA ASN A 73 -4.99 -23.42 -24.24
C ASN A 73 -5.96 -22.34 -23.76
N THR A 74 -5.42 -21.23 -23.22
CA THR A 74 -6.26 -20.08 -22.88
C THR A 74 -5.80 -18.90 -23.71
N ASP A 75 -6.60 -17.84 -23.68
CA ASP A 75 -6.28 -16.62 -24.40
C ASP A 75 -5.13 -15.84 -23.77
N LEU A 76 -4.65 -16.27 -22.62
CA LEU A 76 -3.52 -15.61 -22.00
C LEU A 76 -2.16 -16.13 -22.46
N ALA A 77 -2.14 -17.28 -23.15
CA ALA A 77 -0.91 -17.94 -23.56
C ALA A 77 0.01 -17.25 -24.59
N GLY A 78 -0.57 -16.58 -25.56
CA GLY A 78 0.19 -16.17 -26.76
C GLY A 78 -0.48 -16.96 -27.87
N ASN A 79 -0.75 -16.29 -28.97
CA ASN A 79 -1.67 -16.79 -30.01
C ASN A 79 -1.03 -17.75 -30.99
N THR A 80 0.31 -17.78 -31.01
CA THR A 80 1.08 -18.69 -31.83
C THR A 80 2.25 -19.22 -31.00
N GLU A 81 2.97 -20.21 -31.51
CA GLU A 81 4.12 -20.75 -30.81
C GLU A 81 5.26 -19.74 -30.71
N MET A 82 5.43 -18.89 -31.71
CA MET A 82 6.46 -17.85 -31.63
C MET A 82 6.09 -16.80 -30.59
N GLU A 83 4.81 -16.44 -30.52
CA GLU A 83 4.37 -15.49 -29.51
C GLU A 83 4.49 -16.11 -28.12
N GLN A 84 4.26 -17.41 -28.02
CA GLN A 84 4.41 -18.10 -26.72
C GLN A 84 5.86 -18.04 -26.27
N CYS A 85 6.79 -18.13 -27.21
CA CYS A 85 8.21 -18.03 -26.86
C CYS A 85 8.55 -16.61 -26.39
N HIS A 86 8.03 -15.61 -27.09
CA HIS A 86 8.17 -14.23 -26.67
C HIS A 86 7.60 -14.00 -25.27
N VAL A 87 6.42 -14.59 -24.97
CA VAL A 87 5.81 -14.47 -23.60
C VAL A 87 6.78 -15.02 -22.55
N ASP A 88 7.28 -16.22 -22.83
CA ASP A 88 8.20 -16.88 -21.93
C ASP A 88 9.45 -16.02 -21.78
N ALA A 89 9.93 -15.46 -22.89
CA ALA A 89 11.23 -14.71 -22.82
C ALA A 89 11.08 -13.44 -22.02
N ILE A 90 9.96 -12.73 -22.18
CA ILE A 90 9.72 -11.52 -21.38
C ILE A 90 9.56 -11.86 -19.93
N VAL A 91 8.78 -12.89 -19.63
CA VAL A 91 8.62 -13.33 -18.24
C VAL A 91 9.95 -13.68 -17.59
N ASP A 92 10.79 -14.45 -18.28
CA ASP A 92 12.08 -14.80 -17.68
C ASP A 92 13.00 -13.57 -17.51
N THR A 93 12.93 -12.62 -18.43
CA THR A 93 13.71 -11.39 -18.32
C THR A 93 13.30 -10.60 -17.04
N LEU A 94 12.00 -10.47 -16.81
CA LEU A 94 11.47 -9.89 -15.56
C LEU A 94 11.88 -10.70 -14.34
N ASP A 95 11.68 -12.03 -14.42
CA ASP A 95 11.95 -12.85 -13.27
C ASP A 95 13.45 -12.83 -12.91
N ASP A 96 14.32 -12.78 -13.92
CA ASP A 96 15.78 -12.73 -13.69
C ASP A 96 16.16 -11.51 -12.86
N PHE A 97 15.55 -10.37 -13.18
CA PHE A 97 15.75 -9.15 -12.38
C PHE A 97 15.22 -9.26 -10.97
N MET A 98 14.01 -9.80 -10.81
CA MET A 98 13.41 -9.89 -9.47
C MET A 98 14.22 -10.82 -8.57
N SER A 99 14.86 -11.82 -9.19
CA SER A 99 15.67 -12.83 -8.48
C SER A 99 17.01 -12.28 -7.98
N CYS A 100 17.48 -11.19 -8.57
CA CYS A 100 18.66 -10.46 -8.06
C CYS A 100 18.49 -9.86 -6.65
N PHE A 101 17.26 -9.62 -6.21
CA PHE A 101 17.07 -8.88 -4.96
C PHE A 101 17.23 -9.78 -3.76
N PRO A 102 17.87 -9.26 -2.70
CA PRO A 102 18.16 -10.05 -1.49
C PRO A 102 16.99 -10.08 -0.53
N TRP A 103 15.91 -10.71 -0.97
CA TRP A 103 14.63 -10.66 -0.29
C TRP A 103 14.71 -11.09 1.17
N ALA A 104 15.56 -12.06 1.42
CA ALA A 104 15.64 -12.71 2.72
C ALA A 104 16.84 -12.22 3.55
N GLU A 105 17.56 -11.21 3.07
CA GLU A 105 18.75 -10.72 3.80
C GLU A 105 18.37 -10.21 5.19
N LYS A 106 19.09 -10.71 6.19
CA LYS A 106 18.80 -10.43 7.61
C LYS A 106 19.30 -9.05 8.04
N LYS A 107 20.46 -8.66 7.55
CA LYS A 107 21.01 -7.34 7.86
C LYS A 107 20.30 -6.25 7.05
N GLN A 108 19.49 -5.46 7.74
CA GLN A 108 18.64 -4.47 7.08
C GLN A 108 19.42 -3.44 6.25
N ASP A 109 20.52 -2.92 6.80
CA ASP A 109 21.34 -1.91 6.11
C ASP A 109 21.98 -2.41 4.80
N VAL A 110 22.47 -3.65 4.85
CA VAL A 110 23.00 -4.31 3.67
C VAL A 110 21.85 -4.57 2.67
N LYS A 111 20.71 -5.04 3.17
CA LYS A 111 19.53 -5.24 2.29
C LYS A 111 19.11 -3.95 1.58
N GLU A 112 18.92 -2.87 2.34
CA GLU A 112 18.47 -1.60 1.75
C GLU A 112 19.46 -1.06 0.75
N GLN A 113 20.76 -1.16 1.04
CA GLN A 113 21.77 -0.67 0.10
C GLN A 113 21.73 -1.43 -1.22
N MET A 114 21.64 -2.76 -1.16
CA MET A 114 21.59 -3.56 -2.39
C MET A 114 20.32 -3.28 -3.19
N PHE A 115 19.19 -3.14 -2.52
CA PHE A 115 17.95 -2.75 -3.21
C PHE A 115 18.14 -1.43 -3.95
N ASN A 116 18.67 -0.43 -3.24
CA ASN A 116 18.81 0.91 -3.79
C ASN A 116 19.75 0.92 -4.99
N GLU A 117 20.84 0.15 -4.90
CA GLU A 117 21.83 0.06 -5.97
C GLU A 117 21.19 -0.62 -7.21
N LEU A 118 20.54 -1.75 -7.01
CA LEU A 118 19.87 -2.43 -8.11
C LEU A 118 18.85 -1.57 -8.83
N LEU A 119 18.10 -0.80 -8.05
CA LEU A 119 17.04 0.03 -8.59
C LEU A 119 17.57 1.30 -9.24
N THR A 120 18.72 1.75 -8.79
CA THR A 120 19.29 2.99 -9.33
C THR A 120 20.17 2.74 -10.56
N TYR A 121 21.04 1.75 -10.49
CA TYR A 121 22.05 1.51 -11.51
C TYR A 121 21.64 0.46 -12.49
N ASN A 122 20.79 -0.48 -12.09
CA ASN A 122 20.45 -1.59 -12.97
C ASN A 122 19.09 -1.53 -13.59
N ALA A 123 18.07 -1.18 -12.79
CA ALA A 123 16.72 -1.09 -13.28
C ALA A 123 16.55 -0.20 -14.52
N PRO A 124 17.22 0.98 -14.59
CA PRO A 124 16.92 1.85 -15.75
C PRO A 124 17.22 1.22 -17.09
N HIS A 125 18.20 0.32 -17.16
CA HIS A 125 18.55 -0.36 -18.41
C HIS A 125 17.44 -1.34 -18.84
N LEU A 126 16.92 -2.05 -17.86
CA LEU A 126 15.77 -2.92 -18.09
C LEU A 126 14.52 -2.14 -18.50
N MET A 127 14.18 -1.08 -17.74
CA MET A 127 13.00 -0.27 -18.08
C MET A 127 13.13 0.30 -19.49
N GLN A 128 14.31 0.79 -19.85
CA GLN A 128 14.47 1.26 -21.23
C GLN A 128 14.33 0.16 -22.26
N ASP A 129 14.92 -1.01 -22.00
CA ASP A 129 14.75 -2.14 -22.92
C ASP A 129 13.31 -2.56 -23.08
N LEU A 130 12.55 -2.58 -21.98
CA LEU A 130 11.17 -2.98 -22.03
C LEU A 130 10.36 -1.92 -22.82
N ASP A 131 10.67 -0.66 -22.60
CA ASP A 131 9.93 0.39 -23.29
C ASP A 131 10.19 0.23 -24.79
N THR A 132 11.45 0.04 -25.16
CA THR A 132 11.80 -0.09 -26.58
C THR A 132 11.10 -1.30 -27.21
N TYR A 133 11.06 -2.39 -26.47
CA TYR A 133 10.40 -3.59 -26.93
C TYR A 133 8.91 -3.36 -27.16
N LEU A 134 8.27 -2.64 -26.24
CA LEU A 134 6.82 -2.42 -26.29
C LEU A 134 6.50 -1.47 -27.44
N GLY A 135 7.37 -0.47 -27.66
CA GLY A 135 7.10 0.56 -28.65
C GLY A 135 5.71 1.13 -28.40
N GLY A 136 4.95 1.38 -29.46
CA GLY A 136 3.61 1.94 -29.35
C GLY A 136 2.51 0.91 -29.27
N ARG A 137 2.86 -0.34 -29.07
CA ARG A 137 1.88 -1.42 -29.15
C ARG A 137 1.04 -1.44 -27.87
N GLU A 138 -0.13 -2.05 -27.95
CA GLU A 138 -1.05 -2.08 -26.84
C GLU A 138 -0.56 -2.97 -25.70
N TRP A 139 -0.10 -4.16 -26.08
CA TRP A 139 0.36 -5.18 -25.14
C TRP A 139 1.78 -5.60 -25.51
N LEU A 140 2.47 -6.26 -24.58
CA LEU A 140 3.84 -6.66 -24.81
C LEU A 140 3.98 -7.66 -25.97
N ILE A 141 3.06 -8.62 -26.10
CA ILE A 141 3.12 -9.66 -27.16
C ILE A 141 1.76 -9.76 -27.88
N GLY A 142 1.77 -9.74 -29.22
CA GLY A 142 0.54 -9.88 -29.99
C GLY A 142 -0.44 -8.75 -29.84
N ASN A 143 -1.71 -9.05 -30.06
CA ASN A 143 -2.74 -8.04 -30.13
C ASN A 143 -3.76 -8.16 -28.99
N SER A 144 -3.47 -8.99 -28.00
CA SER A 144 -4.33 -9.09 -26.85
C SER A 144 -3.46 -9.36 -25.63
N VAL A 145 -4.07 -9.19 -24.48
CA VAL A 145 -3.33 -9.32 -23.19
C VAL A 145 -2.79 -10.73 -23.03
N THR A 146 -1.57 -10.88 -22.52
CA THR A 146 -1.04 -12.20 -22.19
C THR A 146 -0.61 -12.22 -20.73
N TRP A 147 -0.22 -13.38 -20.20
CA TRP A 147 0.29 -13.39 -18.82
C TRP A 147 1.64 -12.66 -18.65
N ALA A 148 2.35 -12.36 -19.74
CA ALA A 148 3.52 -11.43 -19.70
C ALA A 148 3.11 -10.04 -19.21
N ASP A 149 1.97 -9.54 -19.66
CA ASP A 149 1.50 -8.21 -19.27
C ASP A 149 1.17 -8.25 -17.77
N PHE A 150 0.53 -9.34 -17.34
CA PHE A 150 0.27 -9.56 -15.90
C PHE A 150 1.55 -9.53 -15.05
N TYR A 151 2.56 -10.22 -15.50
CA TYR A 151 3.79 -10.32 -14.74
C TYR A 151 4.50 -8.97 -14.74
N TRP A 152 4.39 -8.23 -15.85
CA TRP A 152 4.94 -6.84 -15.81
C TRP A 152 4.27 -5.97 -14.71
N GLU A 153 2.94 -6.01 -14.65
CA GLU A 153 2.22 -5.27 -13.63
C GLU A 153 2.60 -5.69 -12.22
N ILE A 154 2.71 -7.00 -12.04
CA ILE A 154 3.00 -7.57 -10.72
C ILE A 154 4.43 -7.21 -10.28
N CYS A 155 5.38 -7.43 -11.18
CA CYS A 155 6.79 -7.04 -10.87
C CYS A 155 6.93 -5.53 -10.62
N SER A 156 6.37 -4.71 -11.53
CA SER A 156 6.54 -3.25 -11.41
C SER A 156 5.79 -2.70 -10.18
N THR A 157 4.68 -3.32 -9.77
CA THR A 157 4.03 -2.93 -8.51
C THR A 157 4.97 -3.02 -7.29
N THR A 158 5.67 -4.14 -7.17
CA THR A 158 6.61 -4.33 -6.05
C THR A 158 7.84 -3.43 -6.18
N LEU A 159 8.35 -3.25 -7.38
CA LEU A 159 9.55 -2.39 -7.55
C LEU A 159 9.22 -0.94 -7.19
N LEU A 160 8.03 -0.47 -7.55
CA LEU A 160 7.59 0.90 -7.29
C LEU A 160 7.50 1.17 -5.78
N VAL A 161 7.30 0.14 -4.95
CA VAL A 161 7.27 0.31 -3.47
C VAL A 161 8.62 0.89 -3.03
N PHE A 162 9.70 0.40 -3.65
CA PHE A 162 11.04 0.76 -3.23
C PHE A 162 11.65 1.83 -4.08
N LYS A 163 11.07 2.07 -5.27
CA LYS A 163 11.59 3.12 -6.14
C LYS A 163 10.40 3.77 -6.85
N PRO A 164 9.71 4.67 -6.16
CA PRO A 164 8.52 5.33 -6.66
C PRO A 164 8.66 5.99 -8.02
N ASP A 165 9.85 6.50 -8.35
CA ASP A 165 10.03 7.20 -9.63
C ASP A 165 10.50 6.27 -10.77
N LEU A 166 10.44 4.96 -10.52
CA LEU A 166 10.97 3.95 -11.45
C LEU A 166 10.55 4.21 -12.89
N LEU A 167 9.29 4.59 -13.09
CA LEU A 167 8.72 4.69 -14.42
C LEU A 167 8.46 6.13 -14.90
N ASP A 168 9.01 7.09 -14.18
CA ASP A 168 8.84 8.48 -14.57
C ASP A 168 9.29 8.82 -15.98
N ASN A 169 10.28 8.11 -16.54
CA ASN A 169 10.75 8.31 -17.93
C ASN A 169 10.08 7.39 -18.94
N HIS A 170 9.02 6.67 -18.52
CA HIS A 170 8.44 5.59 -19.35
C HIS A 170 6.94 5.55 -19.23
N PRO A 171 6.26 6.64 -19.66
CA PRO A 171 4.83 6.66 -19.50
C PRO A 171 4.11 5.49 -20.22
N ARG A 172 4.69 4.93 -21.27
CA ARG A 172 4.03 3.84 -21.98
C ARG A 172 3.99 2.60 -21.11
N LEU A 173 4.97 2.48 -20.20
CA LEU A 173 5.00 1.29 -19.28
C LEU A 173 3.96 1.48 -18.17
N VAL A 174 3.69 2.74 -17.79
CA VAL A 174 2.63 3.06 -16.83
C VAL A 174 1.27 2.75 -17.43
N THR A 175 1.10 3.16 -18.69
CA THR A 175 -0.14 2.92 -19.41
C THR A 175 -0.45 1.42 -19.47
N LEU A 176 0.57 0.60 -19.72
CA LEU A 176 0.38 -0.85 -19.74
C LEU A 176 -0.08 -1.36 -18.36
N ARG A 177 0.56 -0.91 -17.30
CA ARG A 177 0.07 -1.18 -15.94
C ARG A 177 -1.41 -0.84 -15.74
N LYS A 178 -1.79 0.38 -16.10
CA LYS A 178 -3.15 0.79 -15.99
C LYS A 178 -4.10 -0.08 -16.79
N LYS A 179 -3.71 -0.49 -17.99
CA LYS A 179 -4.58 -1.35 -18.80
C LYS A 179 -4.78 -2.73 -18.14
N VAL A 180 -3.73 -3.32 -17.60
CA VAL A 180 -3.88 -4.61 -16.89
C VAL A 180 -4.79 -4.40 -15.67
N GLN A 181 -4.53 -3.34 -14.90
CA GLN A 181 -5.31 -3.04 -13.69
C GLN A 181 -6.79 -2.76 -13.94
N ALA A 182 -7.12 -2.43 -15.19
CA ALA A 182 -8.50 -2.07 -15.57
C ALA A 182 -9.32 -3.26 -16.09
N ILE A 183 -8.64 -4.34 -16.43
CA ILE A 183 -9.36 -5.58 -16.80
C ILE A 183 -10.29 -5.93 -15.63
N PRO A 184 -11.61 -6.08 -15.88
CA PRO A 184 -12.51 -6.19 -14.71
C PRO A 184 -12.19 -7.29 -13.68
N ALA A 185 -11.81 -8.50 -14.12
CA ALA A 185 -11.57 -9.60 -13.18
C ALA A 185 -10.30 -9.36 -12.39
N VAL A 186 -9.35 -8.70 -13.01
CA VAL A 186 -8.09 -8.38 -12.35
C VAL A 186 -8.33 -7.23 -11.40
N ALA A 187 -9.07 -6.22 -11.84
CA ALA A 187 -9.42 -5.09 -10.95
C ALA A 187 -10.13 -5.59 -9.72
N ASN A 188 -11.07 -6.49 -9.90
CA ASN A 188 -11.75 -7.08 -8.76
C ASN A 188 -10.82 -7.79 -7.75
N TRP A 189 -9.95 -8.65 -8.26
CA TRP A 189 -8.94 -9.30 -7.42
C TRP A 189 -8.08 -8.27 -6.67
N ILE A 190 -7.58 -7.26 -7.40
CA ILE A 190 -6.73 -6.21 -6.82
C ILE A 190 -7.41 -5.48 -5.66
N LYS A 191 -8.71 -5.21 -5.83
CA LYS A 191 -9.50 -4.55 -4.82
C LYS A 191 -9.71 -5.47 -3.63
N ARG A 192 -9.88 -6.75 -3.89
CA ARG A 192 -10.22 -7.72 -2.82
C ARG A 192 -9.10 -8.42 -2.08
N ARG A 193 -7.91 -8.52 -2.68
CA ARG A 193 -6.86 -9.32 -2.11
C ARG A 193 -6.36 -8.76 -0.77
N PRO A 194 -5.78 -9.62 0.09
CA PRO A 194 -5.14 -9.10 1.32
C PRO A 194 -4.09 -8.04 0.98
N GLN A 195 -4.05 -6.97 1.76
CA GLN A 195 -3.11 -5.89 1.50
C GLN A 195 -1.83 -6.21 2.25
N THR A 196 -0.75 -6.44 1.50
CA THR A 196 0.54 -6.79 2.04
C THR A 196 1.57 -5.88 1.38
N LYS A 197 2.71 -5.69 2.02
CA LYS A 197 3.72 -4.81 1.48
C LYS A 197 4.23 -5.38 0.14
N LEU A 198 4.60 -6.65 0.20
CA LEU A 198 5.23 -7.34 -0.91
C LEU A 198 4.35 -8.46 -1.44
N PRO B 1 13.83 -24.52 -40.61
CA PRO B 1 14.19 -23.11 -40.50
C PRO B 1 15.68 -22.85 -40.62
N ASN B 2 16.05 -21.61 -40.95
CA ASN B 2 17.43 -21.20 -40.89
C ASN B 2 17.75 -20.70 -39.46
N TYR B 3 18.49 -21.51 -38.71
CA TYR B 3 18.81 -21.21 -37.30
C TYR B 3 20.26 -20.73 -37.12
N LYS B 4 20.42 -19.58 -36.47
CA LYS B 4 21.72 -19.12 -36.01
C LYS B 4 21.70 -18.87 -34.50
N LEU B 5 22.45 -19.68 -33.74
CA LEU B 5 22.60 -19.51 -32.27
C LEU B 5 23.85 -18.71 -31.99
N THR B 6 23.73 -17.64 -31.20
CA THR B 6 24.87 -16.82 -30.80
C THR B 6 25.13 -16.86 -29.29
N TYR B 7 26.38 -17.16 -28.95
CA TYR B 7 26.80 -17.19 -27.55
C TYR B 7 28.32 -17.04 -27.48
N PHE B 8 28.88 -17.01 -26.29
CA PHE B 8 30.33 -17.09 -26.13
C PHE B 8 30.82 -18.47 -26.58
N ASN B 9 32.15 -18.67 -26.59
CA ASN B 9 32.74 -19.98 -26.81
C ASN B 9 32.76 -20.72 -25.50
N MET B 10 31.62 -21.31 -25.20
CA MET B 10 31.31 -21.80 -23.88
C MET B 10 30.09 -22.69 -24.01
N ARG B 11 29.95 -23.66 -23.13
CA ARG B 11 28.72 -24.44 -23.02
C ARG B 11 27.66 -23.48 -22.46
N GLY B 12 27.81 -23.13 -21.19
CA GLY B 12 27.02 -22.12 -20.53
C GLY B 12 25.53 -22.31 -20.66
N ARG B 13 24.83 -21.20 -20.88
CA ARG B 13 23.35 -21.19 -21.06
C ARG B 13 22.90 -21.53 -22.46
N ALA B 14 23.85 -21.68 -23.40
CA ALA B 14 23.49 -22.08 -24.73
C ALA B 14 23.49 -23.60 -24.89
N GLU B 15 24.13 -24.32 -23.98
CA GLU B 15 24.37 -25.75 -24.24
C GLU B 15 23.05 -26.51 -24.29
N ILE B 16 22.05 -26.07 -23.52
CA ILE B 16 20.77 -26.77 -23.59
C ILE B 16 20.16 -26.75 -24.99
N ILE B 17 20.29 -25.59 -25.66
CA ILE B 17 19.84 -25.38 -27.04
C ILE B 17 20.65 -26.28 -27.99
N ARG B 18 21.96 -26.32 -27.81
CA ARG B 18 22.81 -27.22 -28.62
C ARG B 18 22.42 -28.70 -28.49
N TYR B 19 22.06 -29.15 -27.29
CA TYR B 19 21.67 -30.55 -27.11
C TYR B 19 20.38 -30.86 -27.82
N ILE B 20 19.45 -29.91 -27.78
CA ILE B 20 18.15 -30.11 -28.41
C ILE B 20 18.28 -30.22 -29.92
N PHE B 21 19.04 -29.32 -30.53
CA PHE B 21 19.35 -29.37 -31.97
C PHE B 21 19.99 -30.70 -32.37
N ALA B 22 20.97 -31.14 -31.59
CA ALA B 22 21.64 -32.42 -31.84
C ALA B 22 20.68 -33.57 -31.78
N TYR B 23 19.94 -33.66 -30.66
CA TYR B 23 18.98 -34.73 -30.49
C TYR B 23 17.91 -34.76 -31.60
N LEU B 24 17.45 -33.59 -32.03
CA LEU B 24 16.43 -33.49 -33.09
C LEU B 24 16.98 -33.55 -34.51
N ASP B 25 18.31 -33.58 -34.67
CA ASP B 25 18.96 -33.63 -35.99
C ASP B 25 18.66 -32.39 -36.79
N ILE B 26 18.68 -31.27 -36.09
CA ILE B 26 18.43 -30.00 -36.69
C ILE B 26 19.76 -29.30 -36.92
N GLN B 27 19.94 -28.84 -38.16
CA GLN B 27 21.12 -28.12 -38.58
C GLN B 27 21.04 -26.68 -38.12
N TYR B 28 22.17 -26.10 -37.76
CA TYR B 28 22.23 -24.71 -37.31
C TYR B 28 23.63 -24.17 -37.31
N GLU B 29 23.72 -22.84 -37.42
CA GLU B 29 24.97 -22.13 -37.26
C GLU B 29 25.23 -21.95 -35.77
N ASP B 30 26.34 -22.48 -35.29
CA ASP B 30 26.72 -22.40 -33.89
C ASP B 30 27.71 -21.24 -33.76
N HIS B 31 27.19 -20.00 -33.73
CA HIS B 31 28.04 -18.80 -33.74
C HIS B 31 28.61 -18.49 -32.35
N ARG B 32 29.94 -18.57 -32.23
CA ARG B 32 30.59 -18.34 -30.94
C ARG B 32 31.47 -17.11 -31.04
N ILE B 33 31.15 -16.09 -30.25
CA ILE B 33 31.83 -14.81 -30.36
C ILE B 33 32.96 -14.68 -29.37
N GLU B 34 33.88 -13.77 -29.67
CA GLU B 34 35.00 -13.46 -28.80
C GLU B 34 34.53 -12.38 -27.86
N GLN B 35 35.16 -12.31 -26.69
CA GLN B 35 34.84 -11.27 -25.72
C GLN B 35 34.99 -9.85 -26.29
N ALA B 36 35.99 -9.66 -27.15
CA ALA B 36 36.23 -8.35 -27.78
C ALA B 36 35.15 -7.97 -28.78
N ASP B 37 34.41 -8.98 -29.26
CA ASP B 37 33.28 -8.75 -30.16
C ASP B 37 32.05 -8.22 -29.41
N TRP B 38 31.96 -8.53 -28.13
CA TRP B 38 30.70 -8.44 -27.39
C TRP B 38 30.07 -7.02 -27.36
N PRO B 39 30.80 -6.00 -26.85
CA PRO B 39 30.22 -4.65 -26.71
C PRO B 39 29.35 -4.20 -27.88
N GLU B 40 29.84 -4.38 -29.11
CA GLU B 40 29.10 -3.91 -30.29
C GLU B 40 27.88 -4.78 -30.64
N ILE B 41 27.96 -6.08 -30.33
CA ILE B 41 26.83 -7.00 -30.56
C ILE B 41 25.70 -6.71 -29.58
N LYS B 42 26.08 -6.43 -28.33
CA LYS B 42 25.17 -6.19 -27.21
C LYS B 42 24.17 -5.07 -27.47
N SER B 43 24.65 -4.00 -28.09
CA SER B 43 23.82 -2.86 -28.45
C SER B 43 22.61 -3.28 -29.30
N THR B 44 22.82 -4.27 -30.15
CA THR B 44 21.79 -4.70 -31.11
C THR B 44 20.78 -5.72 -30.54
N LEU B 45 21.06 -6.30 -29.37
CA LEU B 45 20.20 -7.35 -28.77
C LEU B 45 19.06 -6.71 -27.98
N PRO B 46 17.93 -7.43 -27.85
CA PRO B 46 16.74 -6.75 -27.32
C PRO B 46 16.91 -6.37 -25.84
N PHE B 47 17.50 -7.28 -25.07
CA PHE B 47 17.70 -7.04 -23.67
C PHE B 47 19.18 -7.13 -23.28
N GLY B 48 20.05 -7.04 -24.29
CA GLY B 48 21.48 -7.01 -24.08
C GLY B 48 22.08 -8.28 -23.47
N LYS B 49 21.42 -9.42 -23.66
CA LYS B 49 21.97 -10.70 -23.19
C LYS B 49 22.02 -11.73 -24.29
N ILE B 50 22.92 -12.68 -24.08
CA ILE B 50 22.97 -13.89 -24.88
C ILE B 50 22.79 -15.08 -23.98
N PRO B 51 22.38 -16.21 -24.55
CA PRO B 51 22.18 -16.50 -25.96
C PRO B 51 21.01 -15.81 -26.66
N ILE B 52 21.14 -15.62 -27.97
CA ILE B 52 20.02 -15.32 -28.85
C ILE B 52 19.99 -16.42 -29.90
N LEU B 53 18.80 -16.67 -30.42
CA LEU B 53 18.63 -17.56 -31.56
C LEU B 53 17.91 -16.81 -32.67
N GLU B 54 18.54 -16.75 -33.85
CA GLU B 54 17.89 -16.18 -35.01
C GLU B 54 17.22 -17.30 -35.80
N VAL B 55 15.92 -17.11 -36.05
CA VAL B 55 15.07 -18.05 -36.74
C VAL B 55 14.50 -17.35 -37.97
N ASP B 56 14.99 -17.68 -39.15
CA ASP B 56 14.40 -17.15 -40.39
C ASP B 56 14.28 -15.62 -40.34
N GLY B 57 15.34 -14.95 -39.88
CA GLY B 57 15.39 -13.49 -39.76
C GLY B 57 14.69 -12.86 -38.56
N LEU B 58 14.29 -13.68 -37.58
CA LEU B 58 13.61 -13.22 -36.37
C LEU B 58 14.48 -13.60 -35.19
N THR B 59 14.62 -12.70 -34.20
CA THR B 59 15.48 -12.94 -33.03
C THR B 59 14.66 -13.35 -31.80
N LEU B 60 14.96 -14.54 -31.29
CA LEU B 60 14.45 -15.03 -29.99
C LEU B 60 15.54 -14.86 -28.94
N HIS B 61 15.15 -14.73 -27.67
CA HIS B 61 16.14 -14.63 -26.59
C HIS B 61 15.61 -15.43 -25.40
N GLN B 62 16.47 -15.58 -24.37
CA GLN B 62 16.22 -16.33 -23.17
C GLN B 62 16.35 -17.80 -23.46
N SER B 63 17.40 -18.39 -22.90
CA SER B 63 17.77 -19.79 -23.22
C SER B 63 16.64 -20.79 -23.03
N LEU B 64 15.94 -20.71 -21.90
CA LEU B 64 14.92 -21.70 -21.61
C LEU B 64 13.62 -21.43 -22.38
N ALA B 65 13.32 -20.17 -22.64
CA ALA B 65 12.23 -19.84 -23.56
C ALA B 65 12.49 -20.48 -24.92
N ILE B 66 13.71 -20.28 -25.44
CA ILE B 66 14.06 -20.86 -26.76
C ILE B 66 14.04 -22.39 -26.69
N ALA B 67 14.61 -22.97 -25.64
CA ALA B 67 14.57 -24.45 -25.48
C ALA B 67 13.13 -25.02 -25.47
N ARG B 68 12.23 -24.40 -24.73
CA ARG B 68 10.84 -24.83 -24.72
C ARG B 68 10.19 -24.68 -26.10
N TYR B 69 10.47 -23.57 -26.78
CA TYR B 69 10.01 -23.36 -28.15
C TYR B 69 10.41 -24.54 -29.08
N LEU B 70 11.69 -24.92 -29.00
CA LEU B 70 12.28 -25.95 -29.87
C LEU B 70 11.73 -27.33 -29.57
N THR B 71 11.38 -27.58 -28.32
CA THR B 71 10.90 -28.92 -27.93
C THR B 71 9.39 -29.09 -27.96
N LYS B 72 8.65 -28.01 -28.18
CA LYS B 72 7.19 -28.07 -28.34
C LYS B 72 6.86 -29.02 -29.48
N ASN B 73 5.92 -29.93 -29.25
CA ASN B 73 5.52 -30.91 -30.28
C ASN B 73 6.58 -31.91 -30.65
N THR B 74 7.54 -32.11 -29.76
CA THR B 74 8.51 -33.18 -29.93
C THR B 74 8.39 -34.13 -28.76
N ASP B 75 9.11 -35.23 -28.87
CA ASP B 75 9.13 -36.23 -27.80
C ASP B 75 9.95 -35.79 -26.57
N LEU B 76 10.57 -34.61 -26.63
CA LEU B 76 11.30 -34.12 -25.43
C LEU B 76 10.46 -33.30 -24.45
N ALA B 77 9.19 -33.03 -24.77
CA ALA B 77 8.36 -32.05 -24.05
C ALA B 77 7.74 -32.45 -22.70
N GLY B 78 7.44 -33.74 -22.55
CA GLY B 78 6.49 -34.18 -21.52
C GLY B 78 5.20 -34.66 -22.18
N ASN B 79 4.64 -35.77 -21.69
CA ASN B 79 3.55 -36.49 -22.39
C ASN B 79 2.13 -36.09 -22.00
N THR B 80 2.02 -35.20 -21.02
CA THR B 80 0.76 -34.60 -20.61
C THR B 80 1.07 -33.17 -20.23
N GLU B 81 0.04 -32.35 -20.15
CA GLU B 81 0.19 -30.97 -19.74
C GLU B 81 0.82 -30.91 -18.34
N MET B 82 0.36 -31.78 -17.45
CA MET B 82 0.91 -31.86 -16.09
C MET B 82 2.38 -32.25 -16.14
N GLU B 83 2.72 -33.21 -17.00
CA GLU B 83 4.13 -33.61 -17.08
C GLU B 83 5.00 -32.54 -17.72
N GLN B 84 4.43 -31.80 -18.67
CA GLN B 84 5.10 -30.56 -19.18
C GLN B 84 5.42 -29.52 -18.08
N CYS B 85 4.50 -29.36 -17.13
CA CYS B 85 4.73 -28.50 -16.00
C CYS B 85 5.86 -29.04 -15.15
N HIS B 86 5.84 -30.34 -14.83
CA HIS B 86 7.01 -30.92 -14.13
C HIS B 86 8.37 -30.72 -14.82
N VAL B 87 8.40 -30.85 -16.15
CA VAL B 87 9.59 -30.56 -16.90
C VAL B 87 10.04 -29.11 -16.71
N ASP B 88 9.11 -28.17 -16.91
CA ASP B 88 9.45 -26.73 -16.75
C ASP B 88 9.96 -26.45 -15.34
N ALA B 89 9.35 -27.11 -14.34
CA ALA B 89 9.63 -26.80 -12.93
C ALA B 89 11.02 -27.38 -12.52
N ILE B 90 11.34 -28.58 -12.98
CA ILE B 90 12.72 -29.10 -12.78
C ILE B 90 13.78 -28.22 -13.40
N VAL B 91 13.57 -27.83 -14.67
CA VAL B 91 14.50 -26.92 -15.35
C VAL B 91 14.65 -25.61 -14.52
N ASP B 92 13.53 -25.06 -14.06
CA ASP B 92 13.61 -23.77 -13.35
C ASP B 92 14.31 -23.92 -11.96
N THR B 93 14.14 -25.09 -11.33
CA THR B 93 14.80 -25.40 -10.04
C THR B 93 16.29 -25.46 -10.24
N LEU B 94 16.73 -26.17 -11.28
CA LEU B 94 18.13 -26.18 -11.65
C LEU B 94 18.63 -24.79 -12.07
N ASP B 95 17.89 -24.08 -12.90
CA ASP B 95 18.31 -22.77 -13.35
C ASP B 95 18.42 -21.79 -12.19
N ASP B 96 17.48 -21.85 -11.25
CA ASP B 96 17.58 -21.00 -10.05
C ASP B 96 18.89 -21.22 -9.32
N PHE B 97 19.36 -22.48 -9.25
CA PHE B 97 20.60 -22.77 -8.55
C PHE B 97 21.79 -22.21 -9.32
N MET B 98 21.86 -22.51 -10.62
CA MET B 98 22.95 -22.03 -11.47
C MET B 98 23.03 -20.51 -11.51
N SER B 99 21.88 -19.84 -11.50
CA SER B 99 21.81 -18.37 -11.58
C SER B 99 22.22 -17.67 -10.27
N CYS B 100 22.34 -18.43 -9.17
CA CYS B 100 22.84 -17.90 -7.88
C CYS B 100 24.38 -17.73 -7.84
N PHE B 101 25.09 -18.42 -8.74
CA PHE B 101 26.55 -18.33 -8.83
C PHE B 101 26.99 -16.99 -9.44
N PRO B 102 27.99 -16.33 -8.82
CA PRO B 102 28.56 -15.09 -9.39
C PRO B 102 29.52 -15.37 -10.57
N TRP B 103 28.96 -15.65 -11.73
CA TRP B 103 29.75 -16.02 -12.90
C TRP B 103 30.56 -14.85 -13.44
N ALA B 104 29.95 -13.67 -13.47
CA ALA B 104 30.60 -12.48 -14.02
C ALA B 104 31.47 -11.78 -12.97
N GLU B 105 30.95 -11.69 -11.75
CA GLU B 105 31.66 -11.15 -10.57
C GLU B 105 33.19 -11.20 -10.65
N LYS B 106 33.83 -10.03 -10.55
CA LYS B 106 35.29 -9.94 -10.55
C LYS B 106 35.90 -10.32 -9.19
N LYS B 107 35.44 -9.64 -8.14
CA LYS B 107 36.04 -9.76 -6.80
C LYS B 107 36.11 -11.21 -6.33
N GLN B 108 37.32 -11.79 -6.37
CA GLN B 108 37.53 -13.19 -6.00
C GLN B 108 37.69 -13.38 -4.48
N ASP B 109 37.48 -12.33 -3.70
CA ASP B 109 37.28 -12.45 -2.26
C ASP B 109 35.91 -13.03 -2.02
N VAL B 110 34.90 -12.37 -2.58
CA VAL B 110 33.50 -12.79 -2.43
C VAL B 110 33.15 -13.94 -3.39
N LYS B 111 33.51 -13.79 -4.66
CA LYS B 111 33.19 -14.80 -5.70
C LYS B 111 33.51 -16.22 -5.26
N GLU B 112 34.74 -16.44 -4.78
CA GLU B 112 35.20 -17.77 -4.42
C GLU B 112 34.40 -18.31 -3.22
N GLN B 113 34.36 -17.53 -2.13
CA GLN B 113 33.64 -17.95 -0.92
C GLN B 113 32.11 -18.00 -1.11
N MET B 114 31.58 -17.28 -2.09
CA MET B 114 30.16 -17.36 -2.46
C MET B 114 29.89 -18.64 -3.23
N PHE B 115 30.79 -18.96 -4.17
CA PHE B 115 30.82 -20.27 -4.79
C PHE B 115 30.87 -21.37 -3.72
N ASN B 116 31.93 -21.36 -2.92
CA ASN B 116 32.18 -22.40 -1.90
C ASN B 116 31.06 -22.55 -0.87
N GLU B 117 30.35 -21.46 -0.60
CA GLU B 117 29.19 -21.49 0.27
C GLU B 117 28.02 -22.19 -0.43
N LEU B 118 27.79 -21.82 -1.70
CA LEU B 118 26.75 -22.45 -2.52
C LEU B 118 27.01 -23.93 -2.77
N LEU B 119 28.28 -24.30 -2.90
CA LEU B 119 28.65 -25.66 -3.24
C LEU B 119 28.72 -26.54 -1.99
N THR B 120 29.21 -25.97 -0.88
CA THR B 120 29.36 -26.75 0.35
C THR B 120 28.05 -26.96 1.08
N TYR B 121 27.22 -25.92 1.12
CA TYR B 121 26.01 -25.94 1.95
C TYR B 121 24.71 -26.20 1.21
N ASN B 122 24.57 -25.65 0.01
CA ASN B 122 23.27 -25.68 -0.68
C ASN B 122 23.14 -26.80 -1.71
N ALA B 123 24.22 -27.05 -2.45
CA ALA B 123 24.25 -28.08 -3.50
C ALA B 123 23.85 -29.45 -3.00
N PRO B 124 24.32 -29.84 -1.80
CA PRO B 124 23.91 -31.15 -1.27
C PRO B 124 22.41 -31.27 -0.97
N HIS B 125 21.79 -30.18 -0.52
CA HIS B 125 20.34 -30.20 -0.27
C HIS B 125 19.63 -30.40 -1.61
N LEU B 126 20.09 -29.68 -2.62
CA LEU B 126 19.52 -29.84 -3.96
C LEU B 126 19.72 -31.26 -4.49
N MET B 127 20.95 -31.75 -4.42
CA MET B 127 21.24 -33.12 -4.81
C MET B 127 20.34 -34.13 -4.11
N GLN B 128 20.12 -33.98 -2.80
CA GLN B 128 19.28 -34.92 -2.06
C GLN B 128 17.84 -34.79 -2.52
N ASP B 129 17.38 -33.56 -2.72
CA ASP B 129 16.03 -33.35 -3.27
C ASP B 129 15.85 -33.95 -4.67
N LEU B 130 16.84 -33.82 -5.56
CA LEU B 130 16.71 -34.39 -6.92
C LEU B 130 16.68 -35.91 -6.87
N ASP B 131 17.59 -36.47 -6.08
CA ASP B 131 17.65 -37.92 -5.86
C ASP B 131 16.27 -38.46 -5.37
N THR B 132 15.75 -37.88 -4.31
CA THR B 132 14.46 -38.26 -3.77
C THR B 132 13.33 -38.13 -4.80
N TYR B 133 13.40 -37.09 -5.64
CA TYR B 133 12.39 -36.81 -6.65
C TYR B 133 12.44 -37.87 -7.77
N LEU B 134 13.67 -38.22 -8.14
CA LEU B 134 13.91 -39.25 -9.12
C LEU B 134 13.50 -40.63 -8.61
N GLY B 135 13.76 -40.93 -7.35
CA GLY B 135 13.53 -42.29 -6.83
C GLY B 135 14.19 -43.35 -7.70
N GLY B 136 13.46 -44.43 -7.97
CA GLY B 136 13.96 -45.54 -8.82
C GLY B 136 13.63 -45.41 -10.30
N ARG B 137 13.14 -44.24 -10.72
CA ARG B 137 12.70 -44.08 -12.11
C ARG B 137 13.90 -43.87 -13.05
N GLU B 138 13.72 -44.19 -14.34
CA GLU B 138 14.78 -44.02 -15.36
C GLU B 138 15.08 -42.56 -15.68
N TRP B 139 14.01 -41.76 -15.79
CA TRP B 139 14.13 -40.35 -16.23
C TRP B 139 13.42 -39.47 -15.20
N LEU B 140 13.70 -38.17 -15.19
CA LEU B 140 13.12 -37.28 -14.16
C LEU B 140 11.59 -37.18 -14.26
N ILE B 141 11.08 -37.13 -15.47
CA ILE B 141 9.65 -37.01 -15.72
C ILE B 141 9.22 -38.11 -16.67
N GLY B 142 8.17 -38.81 -16.29
CA GLY B 142 7.49 -39.78 -17.16
C GLY B 142 8.32 -41.02 -17.44
N ASN B 143 8.11 -41.60 -18.62
CA ASN B 143 8.71 -42.88 -18.99
C ASN B 143 9.79 -42.77 -20.06
N SER B 144 10.12 -41.52 -20.44
CA SER B 144 11.09 -41.28 -21.49
C SER B 144 11.85 -40.00 -21.21
N VAL B 145 12.97 -39.87 -21.91
CA VAL B 145 13.82 -38.70 -21.77
C VAL B 145 13.07 -37.41 -22.09
N THR B 146 13.30 -36.40 -21.28
CA THR B 146 12.83 -35.03 -21.60
C THR B 146 14.00 -34.05 -21.53
N TRP B 147 13.76 -32.81 -21.96
CA TRP B 147 14.85 -31.81 -21.97
C TRP B 147 15.28 -31.40 -20.55
N ALA B 148 14.51 -31.82 -19.56
CA ALA B 148 14.89 -31.63 -18.15
C ALA B 148 16.03 -32.55 -17.79
N ASP B 149 15.99 -33.79 -18.32
CA ASP B 149 17.14 -34.70 -18.19
C ASP B 149 18.39 -34.10 -18.83
N PHE B 150 18.24 -33.48 -19.99
CA PHE B 150 19.34 -32.81 -20.64
C PHE B 150 19.90 -31.74 -19.72
N TYR B 151 19.00 -30.94 -19.15
CA TYR B 151 19.45 -29.84 -18.29
C TYR B 151 20.12 -30.27 -17.00
N TRP B 152 19.69 -31.39 -16.47
CA TRP B 152 20.36 -31.99 -15.35
C TRP B 152 21.79 -32.34 -15.70
N GLU B 153 21.98 -33.02 -16.81
CA GLU B 153 23.33 -33.43 -17.22
C GLU B 153 24.25 -32.23 -17.49
N ILE B 154 23.70 -31.20 -18.14
CA ILE B 154 24.41 -29.98 -18.47
C ILE B 154 24.77 -29.23 -17.18
N CYS B 155 23.80 -29.06 -16.28
CA CYS B 155 24.04 -28.33 -15.04
C CYS B 155 25.01 -29.08 -14.14
N SER B 156 24.86 -30.40 -14.07
CA SER B 156 25.67 -31.19 -13.18
C SER B 156 27.14 -31.24 -13.68
N THR B 157 27.34 -31.27 -15.00
CA THR B 157 28.70 -31.17 -15.58
C THR B 157 29.46 -29.95 -15.05
N THR B 158 28.85 -28.78 -15.15
CA THR B 158 29.52 -27.56 -14.73
C THR B 158 29.76 -27.56 -13.21
N LEU B 159 28.79 -28.03 -12.44
CA LEU B 159 28.95 -28.19 -10.99
C LEU B 159 30.08 -29.16 -10.60
N LEU B 160 30.21 -30.26 -11.33
CA LEU B 160 31.24 -31.26 -11.00
C LEU B 160 32.66 -30.75 -11.23
N VAL B 161 32.78 -29.68 -12.01
CA VAL B 161 34.06 -29.01 -12.24
C VAL B 161 34.57 -28.40 -10.94
N PHE B 162 33.67 -27.77 -10.21
CA PHE B 162 34.02 -27.07 -8.99
C PHE B 162 33.85 -27.93 -7.75
N LYS B 163 32.95 -28.90 -7.79
CA LYS B 163 32.77 -29.80 -6.65
C LYS B 163 32.67 -31.23 -7.13
N PRO B 164 33.83 -31.86 -7.40
CA PRO B 164 33.84 -33.19 -8.03
C PRO B 164 33.25 -34.32 -7.17
N ASP B 165 33.13 -34.11 -5.86
CA ASP B 165 32.45 -35.08 -4.99
C ASP B 165 30.92 -34.89 -4.88
N LEU B 166 30.38 -33.97 -5.68
CA LEU B 166 28.92 -33.67 -5.71
C LEU B 166 28.03 -34.89 -5.63
N LEU B 167 28.32 -35.91 -6.43
CA LEU B 167 27.41 -37.03 -6.56
C LEU B 167 27.87 -38.33 -5.90
N ASP B 168 28.78 -38.21 -4.94
CA ASP B 168 29.35 -39.41 -4.33
C ASP B 168 28.36 -40.17 -3.48
N ASN B 169 27.36 -39.48 -2.93
CA ASN B 169 26.30 -40.15 -2.20
C ASN B 169 25.05 -40.40 -3.04
N HIS B 170 25.11 -40.14 -4.35
CA HIS B 170 23.93 -40.30 -5.23
C HIS B 170 24.23 -41.02 -6.53
N PRO B 171 24.51 -42.33 -6.46
CA PRO B 171 24.64 -43.13 -7.67
C PRO B 171 23.50 -43.00 -8.69
N ARG B 172 22.27 -42.89 -8.21
CA ARG B 172 21.13 -42.82 -9.12
C ARG B 172 21.21 -41.55 -10.00
N LEU B 173 21.78 -40.48 -9.45
CA LEU B 173 21.94 -39.24 -10.20
C LEU B 173 23.10 -39.28 -11.18
N VAL B 174 24.16 -39.99 -10.83
CA VAL B 174 25.22 -40.29 -11.80
C VAL B 174 24.67 -41.09 -12.99
N THR B 175 23.95 -42.15 -12.70
CA THR B 175 23.37 -43.01 -13.74
C THR B 175 22.54 -42.21 -14.71
N LEU B 176 21.71 -41.29 -14.20
CA LEU B 176 20.94 -40.42 -15.08
C LEU B 176 21.83 -39.54 -15.99
N ARG B 177 22.92 -39.00 -15.43
CA ARG B 177 23.87 -38.27 -16.28
C ARG B 177 24.36 -39.17 -17.42
N LYS B 178 24.74 -40.41 -17.08
CA LYS B 178 25.34 -41.32 -18.06
C LYS B 178 24.31 -41.72 -19.08
N LYS B 179 23.07 -41.88 -18.62
CA LYS B 179 21.99 -42.24 -19.51
C LYS B 179 21.81 -41.20 -20.59
N VAL B 180 21.86 -39.92 -20.20
CA VAL B 180 21.72 -38.84 -21.16
C VAL B 180 22.91 -38.86 -22.16
N GLN B 181 24.11 -38.98 -21.61
CA GLN B 181 25.33 -38.93 -22.41
C GLN B 181 25.44 -40.07 -23.41
N ALA B 182 24.68 -41.13 -23.19
CA ALA B 182 24.70 -42.34 -24.01
C ALA B 182 23.70 -42.29 -25.17
N ILE B 183 22.77 -41.34 -25.13
CA ILE B 183 21.87 -41.12 -26.25
C ILE B 183 22.78 -40.77 -27.45
N PRO B 184 22.79 -41.61 -28.51
CA PRO B 184 23.78 -41.47 -29.60
C PRO B 184 23.95 -40.06 -30.16
N ALA B 185 22.83 -39.37 -30.39
CA ALA B 185 22.87 -37.99 -30.84
C ALA B 185 23.56 -37.06 -29.85
N VAL B 186 23.29 -37.27 -28.55
CA VAL B 186 23.93 -36.47 -27.52
C VAL B 186 25.42 -36.82 -27.44
N ALA B 187 25.73 -38.11 -27.33
CA ALA B 187 27.12 -38.60 -27.34
C ALA B 187 27.92 -38.04 -28.52
N ASN B 188 27.33 -38.11 -29.71
CA ASN B 188 28.00 -37.55 -30.88
C ASN B 188 28.35 -36.07 -30.64
N TRP B 189 27.37 -35.28 -30.22
CA TRP B 189 27.62 -33.86 -29.96
C TRP B 189 28.71 -33.67 -28.90
N ILE B 190 28.66 -34.46 -27.82
CA ILE B 190 29.59 -34.33 -26.68
C ILE B 190 31.03 -34.65 -27.09
N LYS B 191 31.15 -35.61 -28.00
CA LYS B 191 32.44 -35.99 -28.56
C LYS B 191 33.00 -34.89 -29.44
N ARG B 192 32.18 -34.21 -30.24
CA ARG B 192 32.74 -33.27 -31.23
C ARG B 192 32.66 -31.78 -30.87
N ARG B 193 31.98 -31.43 -29.78
CA ARG B 193 31.90 -30.04 -29.37
C ARG B 193 33.25 -29.48 -28.95
N PRO B 194 33.42 -28.15 -29.06
CA PRO B 194 34.60 -27.49 -28.49
C PRO B 194 34.76 -27.83 -27.01
N GLN B 195 35.96 -28.26 -26.62
CA GLN B 195 36.26 -28.45 -25.20
C GLN B 195 36.54 -27.10 -24.58
N THR B 196 35.70 -26.75 -23.62
CA THR B 196 35.82 -25.52 -22.85
C THR B 196 35.60 -25.90 -21.41
N LYS B 197 36.12 -25.09 -20.50
CA LYS B 197 35.97 -25.32 -19.07
C LYS B 197 34.49 -25.28 -18.67
N LEU B 198 33.83 -24.19 -19.04
CA LEU B 198 32.42 -23.94 -18.70
C LEU B 198 31.53 -23.93 -19.94
N PRO C 1 -21.17 13.25 39.40
CA PRO C 1 -20.04 14.13 39.62
C PRO C 1 -20.43 15.56 39.98
N ASN C 2 -19.47 16.33 40.45
CA ASN C 2 -19.65 17.75 40.61
C ASN C 2 -19.28 18.44 39.28
N TYR C 3 -20.30 18.83 38.49
CA TYR C 3 -20.11 19.39 37.15
C TYR C 3 -20.43 20.88 37.10
N LYS C 4 -19.49 21.68 36.59
CA LYS C 4 -19.69 23.11 36.38
C LYS C 4 -19.27 23.56 34.98
N LEU C 5 -20.22 24.10 34.22
CA LEU C 5 -20.00 24.49 32.83
C LEU C 5 -19.92 25.99 32.72
N THR C 6 -18.83 26.51 32.15
CA THR C 6 -18.68 27.94 32.00
C THR C 6 -18.71 28.32 30.53
N TYR C 7 -19.57 29.29 30.23
CA TYR C 7 -19.68 29.84 28.90
C TYR C 7 -20.32 31.22 28.96
N PHE C 8 -20.38 31.92 27.82
CA PHE C 8 -21.17 33.16 27.70
C PHE C 8 -22.67 32.86 27.83
N ASN C 9 -23.48 33.92 27.86
CA ASN C 9 -24.94 33.79 27.78
C ASN C 9 -25.37 33.61 26.32
N MET C 10 -25.11 32.42 25.78
CA MET C 10 -25.43 32.07 24.41
C MET C 10 -25.62 30.58 24.39
N ARG C 11 -26.36 30.08 23.41
CA ARG C 11 -26.38 28.65 23.14
C ARG C 11 -24.94 28.35 22.67
N GLY C 12 -24.58 28.92 21.54
CA GLY C 12 -23.26 28.74 20.95
C GLY C 12 -22.67 27.35 21.10
N ARG C 13 -21.41 27.29 21.54
CA ARG C 13 -20.64 26.04 21.57
C ARG C 13 -20.87 25.24 22.82
N ALA C 14 -21.51 25.83 23.83
CA ALA C 14 -21.84 25.12 25.05
C ALA C 14 -23.14 24.31 24.94
N GLU C 15 -24.03 24.68 24.03
CA GLU C 15 -25.36 24.10 23.99
C GLU C 15 -25.37 22.58 23.85
N ILE C 16 -24.43 22.04 23.08
CA ILE C 16 -24.38 20.60 22.92
C ILE C 16 -24.20 19.89 24.27
N ILE C 17 -23.34 20.45 25.12
CA ILE C 17 -23.13 19.93 26.47
C ILE C 17 -24.42 20.01 27.30
N ARG C 18 -25.07 21.15 27.24
CA ARG C 18 -26.35 21.34 27.94
C ARG C 18 -27.43 20.34 27.50
N TYR C 19 -27.46 19.98 26.21
CA TYR C 19 -28.42 18.96 25.76
C TYR C 19 -28.08 17.60 26.34
N ILE C 20 -26.79 17.28 26.37
CA ILE C 20 -26.38 15.97 26.78
C ILE C 20 -26.69 15.77 28.25
N PHE C 21 -26.46 16.81 29.04
CA PHE C 21 -26.78 16.80 30.45
C PHE C 21 -28.28 16.64 30.67
N ALA C 22 -29.08 17.35 29.86
CA ALA C 22 -30.53 17.29 29.95
C ALA C 22 -31.00 15.88 29.64
N TYR C 23 -30.58 15.37 28.47
CA TYR C 23 -30.93 14.02 28.05
C TYR C 23 -30.56 12.93 29.09
N LEU C 24 -29.36 13.01 29.67
CA LEU C 24 -28.94 11.99 30.65
C LEU C 24 -29.43 12.30 32.06
N ASP C 25 -30.16 13.39 32.23
CA ASP C 25 -30.65 13.83 33.53
C ASP C 25 -29.51 13.95 34.51
N ILE C 26 -28.46 14.63 34.08
CA ILE C 26 -27.32 14.92 34.95
C ILE C 26 -27.39 16.37 35.43
N GLN C 27 -27.29 16.56 36.74
CA GLN C 27 -27.35 17.88 37.35
C GLN C 27 -26.02 18.59 37.14
N TYR C 28 -26.04 19.92 37.01
CA TYR C 28 -24.81 20.67 36.85
C TYR C 28 -25.01 22.16 37.02
N GLU C 29 -23.95 22.90 37.36
CA GLU C 29 -24.01 24.36 37.34
C GLU C 29 -23.82 24.88 35.91
N ASP C 30 -24.84 25.58 35.42
CA ASP C 30 -24.78 26.24 34.11
C ASP C 30 -24.34 27.69 34.30
N HIS C 31 -23.05 27.90 34.51
CA HIS C 31 -22.52 29.23 34.80
C HIS C 31 -22.32 30.03 33.53
N ARG C 32 -23.01 31.17 33.42
CA ARG C 32 -22.94 32.04 32.25
C ARG C 32 -22.30 33.35 32.63
N ILE C 33 -21.30 33.79 31.86
CA ILE C 33 -20.51 34.97 32.22
C ILE C 33 -20.86 36.19 31.38
N GLU C 34 -20.58 37.38 31.92
CA GLU C 34 -20.67 38.62 31.16
C GLU C 34 -19.37 38.84 30.41
N GLN C 35 -19.44 39.61 29.32
CA GLN C 35 -18.24 39.92 28.54
C GLN C 35 -17.27 40.84 29.29
N ALA C 36 -17.77 41.56 30.30
CA ALA C 36 -16.93 42.36 31.19
C ALA C 36 -16.07 41.45 32.06
N ASP C 37 -16.66 40.35 32.52
CA ASP C 37 -15.94 39.37 33.32
C ASP C 37 -14.85 38.65 32.53
N TRP C 38 -14.96 38.65 31.20
CA TRP C 38 -14.19 37.73 30.35
C TRP C 38 -12.66 37.83 30.54
N PRO C 39 -12.07 39.02 30.33
CA PRO C 39 -10.60 39.16 30.48
C PRO C 39 -10.01 38.48 31.71
N GLU C 40 -10.66 38.63 32.86
CA GLU C 40 -10.12 38.12 34.12
C GLU C 40 -10.20 36.59 34.25
N ILE C 41 -11.23 35.99 33.68
CA ILE C 41 -11.42 34.53 33.72
C ILE C 41 -10.53 33.84 32.68
N LYS C 42 -10.40 34.47 31.52
CA LYS C 42 -9.58 33.95 30.41
C LYS C 42 -8.18 33.58 30.89
N SER C 43 -7.58 34.48 31.66
CA SER C 43 -6.20 34.33 32.11
C SER C 43 -5.96 33.15 33.05
N THR C 44 -7.04 32.53 33.54
CA THR C 44 -6.92 31.29 34.33
C THR C 44 -7.07 30.00 33.49
N LEU C 45 -7.57 30.12 32.26
CA LEU C 45 -7.94 28.98 31.39
C LEU C 45 -6.77 28.47 30.54
N PRO C 46 -6.78 27.15 30.21
CA PRO C 46 -5.59 26.51 29.63
C PRO C 46 -5.22 27.08 28.28
N PHE C 47 -6.22 27.25 27.42
CA PHE C 47 -5.99 27.76 26.09
C PHE C 47 -6.79 29.03 25.84
N GLY C 48 -7.25 29.68 26.91
CA GLY C 48 -7.89 30.99 26.79
C GLY C 48 -9.22 30.99 26.09
N LYS C 49 -9.90 29.83 26.08
CA LYS C 49 -11.20 29.69 25.41
C LYS C 49 -12.22 29.06 26.32
N ILE C 50 -13.48 29.40 26.05
CA ILE C 50 -14.62 28.73 26.66
C ILE C 50 -15.46 28.13 25.52
N PRO C 51 -16.28 27.13 25.82
CA PRO C 51 -16.62 26.60 27.14
C PRO C 51 -15.53 25.81 27.83
N ILE C 52 -15.53 25.86 29.15
CA ILE C 52 -14.84 24.85 29.94
C ILE C 52 -15.86 24.13 30.81
N LEU C 53 -15.51 22.92 31.20
CA LEU C 53 -16.31 22.12 32.12
C LEU C 53 -15.39 21.65 33.22
N GLU C 54 -15.71 22.01 34.46
CA GLU C 54 -14.97 21.54 35.62
C GLU C 54 -15.65 20.28 36.16
N VAL C 55 -14.86 19.22 36.34
CA VAL C 55 -15.37 17.91 36.73
C VAL C 55 -14.63 17.48 38.01
N ASP C 56 -15.31 17.58 39.15
CA ASP C 56 -14.70 17.18 40.43
C ASP C 56 -13.32 17.82 40.63
N GLY C 57 -13.23 19.12 40.40
CA GLY C 57 -12.00 19.89 40.61
C GLY C 57 -11.01 19.93 39.44
N LEU C 58 -11.33 19.26 38.34
CA LEU C 58 -10.44 19.19 37.17
C LEU C 58 -11.08 19.94 35.99
N THR C 59 -10.30 20.72 35.26
CA THR C 59 -10.85 21.46 34.12
C THR C 59 -10.71 20.70 32.79
N LEU C 60 -11.83 20.59 32.06
CA LEU C 60 -11.83 20.13 30.66
C LEU C 60 -12.13 21.30 29.72
N HIS C 61 -11.66 21.23 28.49
CA HIS C 61 -11.99 22.24 27.50
C HIS C 61 -12.25 21.55 26.15
N GLN C 62 -12.74 22.39 25.22
CA GLN C 62 -13.09 22.04 23.84
C GLN C 62 -14.45 21.38 23.83
N SER C 63 -15.44 22.07 23.26
CA SER C 63 -16.82 21.64 23.37
C SER C 63 -17.06 20.20 22.92
N LEU C 64 -16.48 19.77 21.81
CA LEU C 64 -16.81 18.45 21.29
C LEU C 64 -16.01 17.34 22.00
N ALA C 65 -14.81 17.66 22.47
CA ALA C 65 -14.07 16.74 23.31
C ALA C 65 -14.87 16.40 24.58
N ILE C 66 -15.34 17.44 25.28
CA ILE C 66 -16.24 17.27 26.44
C ILE C 66 -17.50 16.48 26.07
N ALA C 67 -18.16 16.87 24.98
CA ALA C 67 -19.35 16.15 24.54
C ALA C 67 -19.14 14.64 24.34
N ARG C 68 -18.03 14.28 23.69
CA ARG C 68 -17.72 12.92 23.44
C ARG C 68 -17.49 12.22 24.78
N TYR C 69 -16.76 12.89 25.68
CA TYR C 69 -16.43 12.34 27.02
C TYR C 69 -17.70 11.96 27.77
N LEU C 70 -18.68 12.86 27.70
CA LEU C 70 -19.92 12.75 28.46
C LEU C 70 -20.82 11.69 27.88
N THR C 71 -20.70 11.43 26.57
CA THR C 71 -21.53 10.42 25.93
C THR C 71 -20.96 9.03 25.81
N LYS C 72 -19.69 8.86 26.20
CA LYS C 72 -19.05 7.56 26.16
C LYS C 72 -19.80 6.61 27.06
N ASN C 73 -20.12 5.45 26.53
CA ASN C 73 -20.82 4.40 27.29
C ASN C 73 -22.26 4.77 27.61
N THR C 74 -22.82 5.74 26.88
CA THR C 74 -24.25 6.01 26.96
C THR C 74 -24.86 5.58 25.63
N ASP C 75 -26.18 5.65 25.52
CA ASP C 75 -26.86 5.27 24.28
C ASP C 75 -26.72 6.33 23.18
N LEU C 76 -26.16 7.49 23.52
CA LEU C 76 -26.00 8.59 22.56
C LEU C 76 -24.78 8.42 21.66
N ALA C 77 -23.95 7.41 21.92
CA ALA C 77 -22.59 7.33 21.37
C ALA C 77 -22.45 6.81 19.93
N GLY C 78 -23.34 5.92 19.52
CA GLY C 78 -23.09 5.06 18.32
C GLY C 78 -22.85 3.61 18.74
N ASN C 79 -23.42 2.64 18.01
CA ASN C 79 -23.45 1.22 18.49
C ASN C 79 -22.37 0.27 17.97
N THR C 80 -21.50 0.78 17.11
CA THR C 80 -20.29 0.09 16.69
C THR C 80 -19.23 1.16 16.59
N GLU C 81 -17.97 0.73 16.57
CA GLU C 81 -16.90 1.69 16.43
C GLU C 81 -17.03 2.46 15.13
N MET C 82 -17.48 1.75 14.09
CA MET C 82 -17.67 2.35 12.77
C MET C 82 -18.77 3.39 12.90
N GLU C 83 -19.85 3.07 13.60
CA GLU C 83 -20.91 4.07 13.78
C GLU C 83 -20.50 5.22 14.70
N GLN C 84 -19.62 4.95 15.66
CA GLN C 84 -19.03 6.04 16.46
C GLN C 84 -18.23 7.04 15.60
N CYS C 85 -17.53 6.52 14.59
CA CYS C 85 -16.78 7.33 13.68
C CYS C 85 -17.71 8.20 12.85
N HIS C 86 -18.81 7.60 12.38
CA HIS C 86 -19.80 8.39 11.62
C HIS C 86 -20.39 9.54 12.46
N VAL C 87 -20.67 9.26 13.74
CA VAL C 87 -21.16 10.30 14.66
C VAL C 87 -20.14 11.43 14.73
N ASP C 88 -18.90 11.08 15.04
CA ASP C 88 -17.80 12.09 15.11
C ASP C 88 -17.69 12.88 13.83
N ALA C 89 -17.80 12.18 12.70
CA ALA C 89 -17.54 12.81 11.41
C ALA C 89 -18.68 13.81 11.05
N ILE C 90 -19.94 13.45 11.30
CA ILE C 90 -21.06 14.38 11.10
C ILE C 90 -20.91 15.62 11.99
N VAL C 91 -20.58 15.41 13.26
CA VAL C 91 -20.37 16.52 14.18
C VAL C 91 -19.26 17.46 13.69
N ASP C 92 -18.14 16.88 13.24
CA ASP C 92 -17.04 17.70 12.72
C ASP C 92 -17.41 18.42 11.39
N THR C 93 -18.27 17.81 10.58
CA THR C 93 -18.70 18.41 9.31
C THR C 93 -19.52 19.66 9.64
N LEU C 94 -20.45 19.50 10.58
CA LEU C 94 -21.26 20.62 11.03
C LEU C 94 -20.40 21.68 11.69
N ASP C 95 -19.55 21.26 12.60
CA ASP C 95 -18.70 22.20 13.34
C ASP C 95 -17.79 22.97 12.37
N ASP C 96 -17.26 22.30 11.36
CA ASP C 96 -16.41 22.99 10.38
C ASP C 96 -17.11 24.15 9.71
N PHE C 97 -18.39 23.96 9.44
CA PHE C 97 -19.20 24.99 8.78
C PHE C 97 -19.46 26.13 9.76
N MET C 98 -19.89 25.77 10.97
CA MET C 98 -20.19 26.74 12.00
C MET C 98 -18.95 27.58 12.36
N SER C 99 -17.78 26.95 12.34
CA SER C 99 -16.52 27.62 12.71
C SER C 99 -15.98 28.52 11.60
N CYS C 100 -16.60 28.45 10.41
CA CYS C 100 -16.27 29.33 9.28
C CYS C 100 -16.85 30.75 9.38
N PHE C 101 -17.91 30.92 10.18
CA PHE C 101 -18.56 32.22 10.34
C PHE C 101 -17.74 33.13 11.24
N PRO C 102 -17.57 34.40 10.83
CA PRO C 102 -16.81 35.35 11.64
C PRO C 102 -17.66 35.93 12.77
N TRP C 103 -17.91 35.11 13.80
CA TRP C 103 -18.77 35.49 14.91
C TRP C 103 -18.16 36.66 15.69
N ALA C 104 -16.83 36.66 15.81
CA ALA C 104 -16.08 37.62 16.61
C ALA C 104 -15.22 38.49 15.69
N GLU C 105 -15.83 39.54 15.17
CA GLU C 105 -15.25 40.34 14.11
C GLU C 105 -15.86 41.73 14.14
N LYS C 106 -15.11 42.73 13.70
CA LYS C 106 -15.68 44.06 13.44
C LYS C 106 -15.66 44.46 11.96
N LYS C 107 -14.63 44.02 11.23
CA LYS C 107 -14.40 44.41 9.82
C LYS C 107 -15.60 44.07 8.91
N GLN C 108 -16.50 45.06 8.76
CA GLN C 108 -17.83 44.85 8.16
C GLN C 108 -18.05 45.37 6.74
N ASP C 109 -17.01 45.95 6.13
CA ASP C 109 -16.99 46.16 4.68
C ASP C 109 -16.92 44.80 3.97
N VAL C 110 -16.44 43.78 4.68
CA VAL C 110 -16.42 42.41 4.21
C VAL C 110 -16.88 41.41 5.29
N LYS C 111 -17.87 41.81 6.10
CA LYS C 111 -18.46 40.91 7.11
C LYS C 111 -19.66 40.17 6.54
N GLU C 112 -20.69 40.92 6.13
CA GLU C 112 -21.85 40.31 5.52
C GLU C 112 -21.45 39.59 4.23
N GLN C 113 -20.35 40.01 3.63
CA GLN C 113 -19.69 39.19 2.63
C GLN C 113 -19.58 37.79 3.19
N MET C 114 -18.92 37.65 4.34
CA MET C 114 -18.65 36.33 4.93
C MET C 114 -19.91 35.59 5.35
N PHE C 115 -20.70 36.18 6.24
CA PHE C 115 -21.97 35.58 6.67
C PHE C 115 -22.85 35.25 5.48
N ASN C 116 -23.17 36.28 4.69
CA ASN C 116 -24.11 36.10 3.59
C ASN C 116 -23.58 35.18 2.49
N GLU C 117 -22.27 35.23 2.22
CA GLU C 117 -21.67 34.31 1.23
C GLU C 117 -21.76 32.88 1.73
N LEU C 118 -21.41 32.67 3.00
CA LEU C 118 -21.50 31.34 3.59
C LEU C 118 -22.94 30.80 3.56
N LEU C 119 -23.91 31.67 3.73
CA LEU C 119 -25.29 31.24 3.76
C LEU C 119 -25.87 31.06 2.40
N THR C 120 -25.49 31.94 1.53
CA THR C 120 -26.11 31.95 0.22
C THR C 120 -25.48 30.88 -0.66
N TYR C 121 -24.16 30.72 -0.58
CA TYR C 121 -23.43 29.83 -1.50
C TYR C 121 -22.99 28.50 -0.90
N ASN C 122 -22.72 28.41 0.39
CA ASN C 122 -22.14 27.17 0.96
C ASN C 122 -23.11 26.32 1.77
N ALA C 123 -24.00 26.97 2.53
CA ALA C 123 -24.98 26.26 3.32
C ALA C 123 -25.84 25.34 2.47
N PRO C 124 -26.25 25.79 1.25
CA PRO C 124 -27.15 24.91 0.52
C PRO C 124 -26.51 23.61 0.07
N HIS C 125 -25.21 23.61 -0.23
CA HIS C 125 -24.52 22.38 -0.61
C HIS C 125 -24.47 21.45 0.58
N LEU C 126 -24.19 22.00 1.76
CA LEU C 126 -24.19 21.21 2.99
C LEU C 126 -25.57 20.63 3.30
N MET C 127 -26.62 21.44 3.20
CA MET C 127 -27.96 20.91 3.41
C MET C 127 -28.28 19.79 2.44
N GLN C 128 -27.87 19.92 1.18
CA GLN C 128 -28.13 18.85 0.22
C GLN C 128 -27.37 17.56 0.57
N ASP C 129 -26.09 17.73 0.88
CA ASP C 129 -25.28 16.62 1.39
C ASP C 129 -25.88 15.95 2.62
N LEU C 130 -26.32 16.72 3.64
CA LEU C 130 -26.89 16.08 4.84
C LEU C 130 -28.16 15.33 4.50
N ASP C 131 -28.99 15.94 3.65
CA ASP C 131 -30.27 15.32 3.28
C ASP C 131 -30.02 13.99 2.58
N THR C 132 -29.10 13.99 1.63
CA THR C 132 -28.73 12.77 0.91
C THR C 132 -28.14 11.70 1.84
N TYR C 133 -27.34 12.14 2.81
CA TYR C 133 -26.75 11.26 3.81
C TYR C 133 -27.85 10.62 4.66
N LEU C 134 -28.79 11.43 5.13
CA LEU C 134 -29.91 10.94 5.92
C LEU C 134 -30.83 9.98 5.15
N GLY C 135 -31.05 10.22 3.87
CA GLY C 135 -31.99 9.39 3.10
C GLY C 135 -33.36 9.38 3.76
N GLY C 136 -34.05 8.26 3.74
CA GLY C 136 -35.31 8.10 4.51
C GLY C 136 -35.15 7.46 5.89
N ARG C 137 -33.94 7.51 6.48
CA ARG C 137 -33.71 6.94 7.82
C ARG C 137 -34.23 7.89 8.91
N GLU C 138 -34.52 7.37 10.11
CA GLU C 138 -35.07 8.17 11.21
C GLU C 138 -34.04 9.12 11.81
N TRP C 139 -32.81 8.61 11.97
CA TRP C 139 -31.72 9.38 12.59
C TRP C 139 -30.49 9.32 11.68
N LEU C 140 -29.56 10.24 11.92
CA LEU C 140 -28.39 10.39 11.09
C LEU C 140 -27.49 9.13 11.08
N ILE C 141 -27.28 8.57 12.26
CA ILE C 141 -26.50 7.36 12.43
C ILE C 141 -27.28 6.24 13.14
N GLY C 142 -27.23 5.06 12.55
CA GLY C 142 -27.82 3.87 13.15
C GLY C 142 -29.34 3.92 13.30
N ASN C 143 -29.87 3.22 14.29
CA ASN C 143 -31.34 3.12 14.42
C ASN C 143 -31.89 3.87 15.62
N SER C 144 -31.01 4.59 16.32
CA SER C 144 -31.42 5.40 17.45
C SER C 144 -30.71 6.75 17.44
N VAL C 145 -31.26 7.67 18.23
CA VAL C 145 -30.69 9.01 18.36
C VAL C 145 -29.25 8.95 18.87
N THR C 146 -28.43 9.88 18.37
CA THR C 146 -27.05 10.02 18.83
C THR C 146 -26.84 11.51 19.02
N TRP C 147 -25.72 11.90 19.59
CA TRP C 147 -25.45 13.34 19.78
C TRP C 147 -25.15 14.10 18.51
N ALA C 148 -24.92 13.38 17.41
CA ALA C 148 -24.90 14.01 16.10
C ALA C 148 -26.26 14.60 15.75
N ASP C 149 -27.36 13.89 16.02
CA ASP C 149 -28.71 14.47 15.83
C ASP C 149 -28.92 15.73 16.65
N PHE C 150 -28.48 15.72 17.90
CA PHE C 150 -28.47 16.88 18.76
C PHE C 150 -27.74 18.06 18.12
N TYR C 151 -26.55 17.77 17.61
CA TYR C 151 -25.75 18.83 17.04
C TYR C 151 -26.33 19.36 15.78
N TRP C 152 -26.94 18.48 14.96
CA TRP C 152 -27.69 18.97 13.82
C TRP C 152 -28.77 19.97 14.26
N GLU C 153 -29.57 19.61 15.25
CA GLU C 153 -30.69 20.49 15.73
C GLU C 153 -30.17 21.82 16.27
N ILE C 154 -29.07 21.74 17.02
CA ILE C 154 -28.40 22.88 17.62
C ILE C 154 -27.83 23.80 16.54
N CYS C 155 -27.04 23.24 15.62
CA CYS C 155 -26.47 24.05 14.52
C CYS C 155 -27.54 24.66 13.61
N SER C 156 -28.52 23.86 13.24
CA SER C 156 -29.58 24.35 12.36
C SER C 156 -30.43 25.43 13.04
N THR C 157 -30.60 25.32 14.34
CA THR C 157 -31.32 26.37 15.11
C THR C 157 -30.65 27.72 14.81
N THR C 158 -29.34 27.80 14.97
CA THR C 158 -28.65 29.08 14.76
C THR C 158 -28.64 29.50 13.30
N LEU C 159 -28.42 28.55 12.39
CA LEU C 159 -28.43 28.90 10.96
C LEU C 159 -29.80 29.45 10.52
N LEU C 160 -30.87 28.90 11.10
CA LEU C 160 -32.25 29.28 10.71
C LEU C 160 -32.61 30.72 11.14
N VAL C 161 -31.94 31.22 12.18
CA VAL C 161 -32.04 32.63 12.54
C VAL C 161 -31.56 33.52 11.41
N PHE C 162 -30.43 33.16 10.82
CA PHE C 162 -29.78 33.97 9.80
C PHE C 162 -30.20 33.65 8.36
N LYS C 163 -30.71 32.44 8.13
CA LYS C 163 -31.23 32.05 6.83
C LYS C 163 -32.55 31.26 7.03
N PRO C 164 -33.68 31.99 7.19
CA PRO C 164 -34.94 31.27 7.45
C PRO C 164 -35.42 30.31 6.38
N ASP C 165 -34.96 30.43 5.14
CA ASP C 165 -35.38 29.52 4.07
C ASP C 165 -34.46 28.28 3.93
N LEU C 166 -33.52 28.16 4.87
CA LEU C 166 -32.54 27.07 4.87
C LEU C 166 -33.07 25.71 4.45
N LEU C 167 -34.19 25.30 5.02
CA LEU C 167 -34.66 23.95 4.89
C LEU C 167 -35.95 23.83 4.07
N ASP C 168 -36.22 24.81 3.23
CA ASP C 168 -37.44 24.84 2.41
C ASP C 168 -37.45 23.66 1.44
N ASN C 169 -36.28 23.33 0.90
CA ASN C 169 -36.15 22.17 0.00
C ASN C 169 -35.76 20.88 0.72
N HIS C 170 -35.80 20.87 2.06
CA HIS C 170 -35.32 19.71 2.81
C HIS C 170 -36.24 19.31 3.95
N PRO C 171 -37.46 18.86 3.61
CA PRO C 171 -38.39 18.45 4.67
C PRO C 171 -37.89 17.33 5.59
N ARG C 172 -37.12 16.39 5.06
CA ARG C 172 -36.63 15.31 5.91
C ARG C 172 -35.70 15.83 7.06
N LEU C 173 -35.03 16.95 6.79
CA LEU C 173 -34.16 17.56 7.78
C LEU C 173 -34.91 18.32 8.84
N VAL C 174 -36.03 18.89 8.45
CA VAL C 174 -36.93 19.56 9.39
C VAL C 174 -37.56 18.50 10.30
N THR C 175 -37.89 17.33 9.74
CA THR C 175 -38.48 16.21 10.51
C THR C 175 -37.53 15.73 11.62
N LEU C 176 -36.25 15.62 11.27
CA LEU C 176 -35.22 15.25 12.22
C LEU C 176 -35.07 16.23 13.37
N ARG C 177 -35.02 17.52 13.02
CA ARG C 177 -35.00 18.56 14.02
C ARG C 177 -36.15 18.40 15.02
N LYS C 178 -37.35 18.17 14.49
CA LYS C 178 -38.54 18.07 15.33
C LYS C 178 -38.56 16.81 16.19
N LYS C 179 -38.01 15.71 15.68
CA LYS C 179 -37.84 14.50 16.48
C LYS C 179 -36.87 14.74 17.65
N VAL C 180 -35.78 15.45 17.43
CA VAL C 180 -34.88 15.77 18.55
C VAL C 180 -35.58 16.64 19.57
N GLN C 181 -36.27 17.67 19.09
CA GLN C 181 -36.97 18.63 19.94
C GLN C 181 -38.16 18.02 20.70
N ALA C 182 -38.65 16.86 20.25
CA ALA C 182 -39.73 16.12 20.93
C ALA C 182 -39.27 15.14 21.99
N ILE C 183 -37.96 14.89 22.08
CA ILE C 183 -37.44 14.06 23.16
C ILE C 183 -37.78 14.84 24.42
N PRO C 184 -38.55 14.23 25.36
CA PRO C 184 -39.10 15.03 26.47
C PRO C 184 -38.08 15.85 27.23
N ALA C 185 -36.96 15.22 27.57
CA ALA C 185 -35.83 15.83 28.29
C ALA C 185 -35.24 17.02 27.57
N VAL C 186 -35.11 16.90 26.25
CA VAL C 186 -34.63 18.00 25.41
C VAL C 186 -35.71 19.08 25.29
N ALA C 187 -36.96 18.67 25.05
CA ALA C 187 -38.08 19.60 24.96
C ALA C 187 -38.14 20.46 26.21
N ASN C 188 -37.93 19.83 27.35
CA ASN C 188 -38.01 20.53 28.61
C ASN C 188 -36.93 21.61 28.66
N TRP C 189 -35.71 21.20 28.32
CA TRP C 189 -34.58 22.14 28.29
C TRP C 189 -34.86 23.34 27.36
N ILE C 190 -35.41 23.08 26.18
CA ILE C 190 -35.65 24.13 25.17
C ILE C 190 -36.69 25.17 25.60
N LYS C 191 -37.67 24.72 26.36
CA LYS C 191 -38.71 25.61 26.88
C LYS C 191 -38.13 26.55 27.95
N ARG C 192 -37.16 26.07 28.72
CA ARG C 192 -36.59 26.86 29.85
C ARG C 192 -35.47 27.86 29.52
N ARG C 193 -34.55 27.49 28.64
CA ARG C 193 -33.35 28.30 28.39
C ARG C 193 -33.65 29.74 27.94
N PRO C 194 -32.72 30.67 28.16
CA PRO C 194 -32.92 32.06 27.68
C PRO C 194 -32.95 32.16 26.15
N GLN C 195 -33.73 33.09 25.61
CA GLN C 195 -33.80 33.25 24.15
C GLN C 195 -32.77 34.30 23.69
N THR C 196 -31.76 33.82 22.97
CA THR C 196 -30.66 34.65 22.55
C THR C 196 -30.58 34.57 21.03
N LYS C 197 -29.90 35.54 20.42
CA LYS C 197 -29.65 35.48 19.01
C LYS C 197 -28.81 34.23 18.71
N LEU C 198 -27.79 34.01 19.55
CA LEU C 198 -26.79 32.94 19.36
C LEU C 198 -26.75 31.88 20.47
N PRO D 1 -9.40 -5.13 8.09
CA PRO D 1 -10.00 -4.77 6.82
C PRO D 1 -9.01 -4.36 5.75
N ASN D 2 -9.56 -4.14 4.56
CA ASN D 2 -8.86 -3.48 3.51
C ASN D 2 -9.14 -1.99 3.60
N TYR D 3 -8.07 -1.19 3.59
CA TYR D 3 -8.12 0.24 3.76
C TYR D 3 -7.62 0.97 2.52
N LYS D 4 -8.38 1.95 2.07
CA LYS D 4 -7.88 2.87 1.04
C LYS D 4 -8.13 4.28 1.50
N LEU D 5 -7.04 5.04 1.64
CA LEU D 5 -7.06 6.46 2.00
C LEU D 5 -6.98 7.27 0.72
N THR D 6 -7.85 8.26 0.56
CA THR D 6 -7.79 9.15 -0.60
C THR D 6 -7.53 10.57 -0.12
N TYR D 7 -6.50 11.21 -0.62
CA TYR D 7 -6.28 12.62 -0.35
C TYR D 7 -5.47 13.13 -1.51
N PHE D 8 -5.09 14.40 -1.46
CA PHE D 8 -4.13 14.93 -2.44
C PHE D 8 -2.72 14.40 -2.16
N ASN D 9 -1.78 14.66 -3.10
CA ASN D 9 -0.38 14.37 -2.88
C ASN D 9 0.18 15.50 -2.06
N MET D 10 -0.11 15.40 -0.79
CA MET D 10 0.34 16.35 0.22
C MET D 10 0.18 15.66 1.56
N ARG D 11 0.91 16.18 2.52
CA ARG D 11 0.75 15.73 3.91
C ARG D 11 -0.63 16.15 4.39
N GLY D 12 -0.82 17.47 4.56
CA GLY D 12 -2.12 18.08 4.87
C GLY D 12 -2.88 17.33 5.95
N ARG D 13 -4.16 17.10 5.70
CA ARG D 13 -5.05 16.55 6.70
C ARG D 13 -5.06 15.04 6.67
N ALA D 14 -4.35 14.43 5.71
CA ALA D 14 -4.26 13.01 5.69
C ALA D 14 -3.14 12.51 6.57
N GLU D 15 -2.16 13.36 6.90
CA GLU D 15 -0.92 12.84 7.44
C GLU D 15 -1.07 12.16 8.83
N ILE D 16 -1.93 12.69 9.67
CA ILE D 16 -2.26 12.04 10.94
C ILE D 16 -2.68 10.58 10.75
N ILE D 17 -3.49 10.32 9.75
CA ILE D 17 -3.95 8.96 9.44
C ILE D 17 -2.74 8.17 8.95
N ARG D 18 -1.91 8.76 8.09
CA ARG D 18 -0.69 8.04 7.62
C ARG D 18 0.29 7.72 8.76
N TYR D 19 0.45 8.62 9.74
CA TYR D 19 1.31 8.31 10.90
C TYR D 19 0.74 7.14 11.69
N ILE D 20 -0.58 7.14 11.86
CA ILE D 20 -1.19 6.08 12.66
C ILE D 20 -0.98 4.72 12.01
N PHE D 21 -1.24 4.61 10.72
CA PHE D 21 -1.04 3.39 10.00
C PHE D 21 0.40 2.95 10.09
N ALA D 22 1.35 3.87 9.94
CA ALA D 22 2.78 3.57 10.13
C ALA D 22 3.12 2.99 11.53
N TYR D 23 2.65 3.66 12.56
CA TYR D 23 2.96 3.32 13.92
C TYR D 23 2.39 1.96 14.30
N LEU D 24 1.18 1.67 13.82
CA LEU D 24 0.50 0.43 14.10
C LEU D 24 0.91 -0.71 13.19
N ASP D 25 1.74 -0.41 12.20
CA ASP D 25 2.24 -1.34 11.18
C ASP D 25 1.08 -1.97 10.43
N ILE D 26 0.16 -1.12 9.98
CA ILE D 26 -1.03 -1.52 9.24
C ILE D 26 -0.83 -1.14 7.76
N GLN D 27 -1.07 -2.10 6.89
CA GLN D 27 -1.01 -1.87 5.47
C GLN D 27 -2.25 -1.16 4.99
N TYR D 28 -2.04 -0.24 4.05
CA TYR D 28 -3.15 0.45 3.43
C TYR D 28 -2.76 0.96 2.03
N GLU D 29 -3.76 1.19 1.19
CA GLU D 29 -3.53 1.84 -0.08
C GLU D 29 -3.51 3.37 0.12
N ASP D 30 -2.36 4.00 -0.09
CA ASP D 30 -2.25 5.46 0.02
C ASP D 30 -2.53 6.12 -1.32
N HIS D 31 -3.81 6.42 -1.60
CA HIS D 31 -4.23 6.92 -2.92
C HIS D 31 -4.13 8.44 -2.95
N ARG D 32 -3.26 8.96 -3.80
CA ARG D 32 -2.99 10.36 -3.91
C ARG D 32 -3.45 10.88 -5.25
N ILE D 33 -4.37 11.84 -5.20
CA ILE D 33 -4.94 12.40 -6.41
C ILE D 33 -4.33 13.75 -6.74
N GLU D 34 -4.46 14.14 -8.02
CA GLU D 34 -4.06 15.45 -8.50
C GLU D 34 -5.29 16.35 -8.58
N GLN D 35 -5.08 17.65 -8.72
CA GLN D 35 -6.20 18.59 -8.90
C GLN D 35 -7.21 18.12 -9.96
N ALA D 36 -6.71 17.60 -11.07
CA ALA D 36 -7.53 17.21 -12.23
C ALA D 36 -8.37 15.97 -12.01
N ASP D 37 -8.15 15.26 -10.90
CA ASP D 37 -9.00 14.16 -10.51
C ASP D 37 -10.11 14.66 -9.58
N TRP D 38 -9.94 15.86 -9.01
CA TRP D 38 -10.77 16.33 -7.88
C TRP D 38 -12.28 16.35 -8.15
N PRO D 39 -12.72 16.98 -9.26
CA PRO D 39 -14.16 16.96 -9.57
C PRO D 39 -14.75 15.56 -9.63
N GLU D 40 -14.13 14.68 -10.40
CA GLU D 40 -14.63 13.30 -10.52
C GLU D 40 -14.60 12.56 -9.17
N ILE D 41 -13.61 12.86 -8.35
CA ILE D 41 -13.53 12.26 -7.00
C ILE D 41 -14.64 12.86 -6.12
N LYS D 42 -14.79 14.19 -6.18
CA LYS D 42 -15.66 14.93 -5.26
C LYS D 42 -17.11 14.46 -5.35
N SER D 43 -17.56 14.23 -6.58
CA SER D 43 -18.93 13.77 -6.86
C SER D 43 -19.30 12.47 -6.13
N THR D 44 -18.30 11.74 -5.65
CA THR D 44 -18.48 10.46 -4.95
C THR D 44 -18.41 10.54 -3.41
N LEU D 45 -17.91 11.67 -2.89
CA LEU D 45 -17.68 11.86 -1.47
C LEU D 45 -18.97 12.26 -0.76
N PRO D 46 -19.08 11.95 0.53
CA PRO D 46 -20.35 12.21 1.25
C PRO D 46 -20.56 13.68 1.52
N PHE D 47 -19.50 14.38 1.84
CA PHE D 47 -19.58 15.78 2.14
C PHE D 47 -18.63 16.63 1.34
N GLY D 48 -18.25 16.16 0.17
CA GLY D 48 -17.46 16.97 -0.73
C GLY D 48 -16.04 17.23 -0.27
N LYS D 49 -15.55 16.44 0.70
CA LYS D 49 -14.23 16.70 1.27
C LYS D 49 -13.39 15.44 1.41
N ILE D 50 -12.07 15.62 1.26
CA ILE D 50 -11.07 14.60 1.59
C ILE D 50 -10.21 15.11 2.79
N PRO D 51 -9.57 14.18 3.54
CA PRO D 51 -9.51 12.72 3.23
C PRO D 51 -10.81 11.92 3.45
N ILE D 52 -10.93 10.82 2.71
CA ILE D 52 -11.79 9.73 3.07
C ILE D 52 -10.95 8.47 3.27
N LEU D 53 -11.47 7.57 4.08
CA LEU D 53 -10.88 6.27 4.25
C LEU D 53 -11.96 5.26 3.94
N GLU D 54 -11.76 4.41 2.94
CA GLU D 54 -12.68 3.33 2.67
C GLU D 54 -12.19 2.12 3.46
N VAL D 55 -13.12 1.52 4.18
CA VAL D 55 -12.82 0.37 5.00
C VAL D 55 -13.76 -0.75 4.62
N ASP D 56 -13.23 -1.84 4.04
CA ASP D 56 -14.08 -2.94 3.49
C ASP D 56 -15.34 -2.41 2.72
N GLY D 57 -15.11 -1.43 1.88
CA GLY D 57 -16.14 -0.93 1.00
C GLY D 57 -17.03 0.16 1.54
N LEU D 58 -16.88 0.54 2.83
CA LEU D 58 -17.66 1.62 3.41
C LEU D 58 -16.74 2.82 3.60
N THR D 59 -17.31 3.99 3.47
CA THR D 59 -16.50 5.21 3.45
C THR D 59 -16.58 5.90 4.81
N LEU D 60 -15.44 6.17 5.42
CA LEU D 60 -15.40 7.11 6.51
C LEU D 60 -14.83 8.46 5.98
N HIS D 61 -15.19 9.51 6.69
CA HIS D 61 -14.68 10.82 6.41
C HIS D 61 -14.33 11.56 7.70
N GLN D 62 -13.72 12.73 7.51
CA GLN D 62 -13.24 13.63 8.57
C GLN D 62 -11.96 13.07 9.19
N SER D 63 -10.83 13.73 8.89
CA SER D 63 -9.51 13.25 9.32
C SER D 63 -9.45 12.88 10.81
N LEU D 64 -9.95 13.73 11.70
CA LEU D 64 -9.80 13.46 13.14
C LEU D 64 -10.78 12.38 13.62
N ALA D 65 -11.98 12.31 13.04
CA ALA D 65 -12.88 11.16 13.32
C ALA D 65 -12.21 9.84 12.91
N ILE D 66 -11.59 9.83 11.75
CA ILE D 66 -10.88 8.65 11.26
C ILE D 66 -9.67 8.28 12.11
N ALA D 67 -8.87 9.28 12.47
CA ALA D 67 -7.72 9.01 13.34
C ALA D 67 -8.16 8.42 14.68
N ARG D 68 -9.20 9.02 15.28
CA ARG D 68 -9.76 8.55 16.54
C ARG D 68 -10.25 7.08 16.42
N TYR D 69 -10.98 6.79 15.36
CA TYR D 69 -11.40 5.44 15.05
C TYR D 69 -10.23 4.44 14.96
N LEU D 70 -9.18 4.84 14.26
CA LEU D 70 -8.01 3.96 14.05
C LEU D 70 -7.25 3.72 15.35
N THR D 71 -7.26 4.66 16.28
CA THR D 71 -6.47 4.50 17.51
C THR D 71 -7.24 3.88 18.66
N LYS D 72 -8.55 3.68 18.47
CA LYS D 72 -9.36 3.06 19.48
C LYS D 72 -8.80 1.69 19.84
N ASN D 73 -8.74 1.42 21.15
CA ASN D 73 -8.17 0.17 21.67
C ASN D 73 -6.73 -0.03 21.28
N THR D 74 -5.98 1.07 21.09
CA THR D 74 -4.55 0.96 20.83
C THR D 74 -3.83 1.83 21.83
N ASP D 75 -2.52 1.64 21.92
CA ASP D 75 -1.71 2.39 22.85
C ASP D 75 -1.62 3.89 22.51
N LEU D 76 -2.10 4.29 21.34
CA LEU D 76 -2.08 5.70 21.00
C LEU D 76 -3.30 6.53 21.49
N ALA D 77 -4.34 5.84 21.98
CA ALA D 77 -5.59 6.48 22.37
C ALA D 77 -5.57 7.38 23.63
N GLY D 78 -4.75 7.02 24.59
CA GLY D 78 -4.88 7.66 25.93
C GLY D 78 -5.39 6.56 26.83
N ASN D 79 -4.87 6.51 28.05
CA ASN D 79 -4.93 5.29 28.83
C ASN D 79 -6.20 5.18 29.66
N THR D 80 -6.92 6.29 29.78
CA THR D 80 -8.18 6.36 30.50
C THR D 80 -9.15 7.31 29.78
N GLU D 81 -10.40 7.30 30.20
CA GLU D 81 -11.41 8.13 29.55
C GLU D 81 -11.11 9.61 29.67
N MET D 82 -10.55 10.02 30.79
CA MET D 82 -10.18 11.41 30.98
C MET D 82 -9.02 11.79 30.07
N GLU D 83 -8.03 10.92 29.97
CA GLU D 83 -6.89 11.19 29.11
C GLU D 83 -7.35 11.22 27.66
N GLN D 84 -8.29 10.37 27.28
CA GLN D 84 -8.88 10.38 25.93
C GLN D 84 -9.53 11.74 25.63
N CYS D 85 -10.15 12.36 26.64
CA CYS D 85 -10.77 13.66 26.51
C CYS D 85 -9.70 14.74 26.30
N HIS D 86 -8.63 14.64 27.08
CA HIS D 86 -7.49 15.54 26.91
C HIS D 86 -6.84 15.46 25.53
N VAL D 87 -6.65 14.23 25.06
CA VAL D 87 -6.10 13.99 23.70
C VAL D 87 -6.98 14.72 22.68
N ASP D 88 -8.28 14.46 22.77
CA ASP D 88 -9.25 15.05 21.85
C ASP D 88 -9.16 16.55 21.93
N ALA D 89 -9.00 17.06 23.15
CA ALA D 89 -9.08 18.52 23.33
C ALA D 89 -7.85 19.17 22.74
N ILE D 90 -6.67 18.56 22.93
CA ILE D 90 -5.44 19.12 22.40
C ILE D 90 -5.48 19.07 20.86
N VAL D 91 -5.92 17.94 20.35
CA VAL D 91 -6.08 17.79 18.89
C VAL D 91 -6.98 18.88 18.27
N ASP D 92 -8.17 19.11 18.86
CA ASP D 92 -9.09 20.15 18.37
C ASP D 92 -8.48 21.56 18.52
N THR D 93 -7.73 21.84 19.59
CA THR D 93 -7.05 23.12 19.73
C THR D 93 -6.07 23.37 18.58
N LEU D 94 -5.26 22.36 18.28
CA LEU D 94 -4.35 22.43 17.15
C LEU D 94 -5.14 22.59 15.85
N ASP D 95 -6.14 21.74 15.66
CA ASP D 95 -6.90 21.74 14.38
C ASP D 95 -7.62 23.08 14.17
N ASP D 96 -8.11 23.65 15.25
CA ASP D 96 -8.80 24.94 15.19
C ASP D 96 -7.87 26.01 14.61
N PHE D 97 -6.63 26.04 15.06
CA PHE D 97 -5.65 26.99 14.53
C PHE D 97 -5.29 26.73 13.08
N MET D 98 -5.08 25.46 12.72
CA MET D 98 -4.72 25.14 11.34
C MET D 98 -5.86 25.54 10.39
N SER D 99 -7.10 25.35 10.86
CA SER D 99 -8.29 25.68 10.04
C SER D 99 -8.43 27.18 9.79
N CYS D 100 -7.70 28.00 10.53
CA CYS D 100 -7.70 29.46 10.31
C CYS D 100 -7.01 29.88 9.02
N PHE D 101 -6.16 29.03 8.47
CA PHE D 101 -5.30 29.47 7.38
C PHE D 101 -6.05 29.36 6.10
N PRO D 102 -5.92 30.39 5.22
CA PRO D 102 -6.60 30.45 3.91
C PRO D 102 -5.89 29.61 2.87
N TRP D 103 -5.94 28.30 3.03
CA TRP D 103 -5.08 27.38 2.27
C TRP D 103 -5.35 27.49 0.78
N ALA D 104 -6.61 27.72 0.44
CA ALA D 104 -7.05 27.70 -0.95
C ALA D 104 -7.20 29.11 -1.54
N GLU D 105 -6.89 30.16 -0.77
CA GLU D 105 -6.95 31.52 -1.30
C GLU D 105 -6.15 31.65 -2.61
N LYS D 106 -6.83 32.06 -3.68
CA LYS D 106 -6.17 32.26 -4.97
C LYS D 106 -5.32 33.53 -5.03
N LYS D 107 -5.77 34.63 -4.41
CA LYS D 107 -4.97 35.87 -4.39
C LYS D 107 -3.73 35.70 -3.51
N GLN D 108 -2.57 35.55 -4.13
CA GLN D 108 -1.35 35.24 -3.41
C GLN D 108 -0.89 36.26 -2.36
N ASP D 109 -1.02 37.55 -2.67
CA ASP D 109 -0.62 38.59 -1.70
C ASP D 109 -1.56 38.55 -0.47
N VAL D 110 -2.86 38.42 -0.73
CA VAL D 110 -3.87 38.30 0.33
C VAL D 110 -3.57 37.08 1.23
N LYS D 111 -3.21 35.97 0.59
CA LYS D 111 -2.94 34.71 1.30
C LYS D 111 -1.69 34.83 2.18
N GLU D 112 -0.62 35.35 1.58
CA GLU D 112 0.64 35.52 2.25
C GLU D 112 0.49 36.47 3.44
N GLN D 113 -0.26 37.55 3.26
CA GLN D 113 -0.51 38.49 4.36
C GLN D 113 -1.21 37.83 5.52
N MET D 114 -2.28 37.08 5.25
CA MET D 114 -3.01 36.43 6.33
C MET D 114 -2.12 35.41 7.04
N PHE D 115 -1.34 34.63 6.28
CA PHE D 115 -0.46 33.63 6.91
C PHE D 115 0.44 34.33 7.89
N ASN D 116 1.10 35.40 7.41
CA ASN D 116 2.08 36.08 8.23
C ASN D 116 1.48 36.69 9.48
N GLU D 117 0.29 37.25 9.36
CA GLU D 117 -0.41 37.83 10.50
C GLU D 117 -0.81 36.77 11.52
N LEU D 118 -1.39 35.69 11.03
CA LEU D 118 -1.71 34.57 11.93
C LEU D 118 -0.47 34.07 12.63
N LEU D 119 0.61 33.89 11.89
CA LEU D 119 1.84 33.37 12.50
C LEU D 119 2.55 34.32 13.47
N THR D 120 2.38 35.61 13.29
CA THR D 120 3.04 36.60 14.10
C THR D 120 2.23 37.02 15.31
N TYR D 121 0.94 37.26 15.11
CA TYR D 121 0.11 37.81 16.15
C TYR D 121 -0.65 36.74 16.91
N ASN D 122 -0.96 35.62 16.29
CA ASN D 122 -1.79 34.58 16.95
C ASN D 122 -1.02 33.36 17.46
N ALA D 123 -0.15 32.83 16.62
CA ALA D 123 0.60 31.62 16.98
C ALA D 123 1.33 31.72 18.30
N PRO D 124 1.99 32.86 18.59
CA PRO D 124 2.73 32.85 19.85
C PRO D 124 1.87 32.56 21.07
N HIS D 125 0.60 32.96 21.07
CA HIS D 125 -0.22 32.67 22.24
C HIS D 125 -0.52 31.19 22.39
N LEU D 126 -0.78 30.55 21.25
CA LEU D 126 -0.92 29.08 21.21
C LEU D 126 0.36 28.36 21.62
N MET D 127 1.50 28.78 21.09
CA MET D 127 2.76 28.12 21.43
C MET D 127 3.03 28.23 22.92
N GLN D 128 2.76 29.40 23.50
CA GLN D 128 2.97 29.54 24.96
C GLN D 128 2.00 28.67 25.77
N ASP D 129 0.74 28.66 25.37
CA ASP D 129 -0.26 27.79 26.02
C ASP D 129 0.09 26.31 25.93
N LEU D 130 0.57 25.88 24.78
CA LEU D 130 0.97 24.48 24.66
C LEU D 130 2.20 24.17 25.51
N ASP D 131 3.15 25.08 25.48
CA ASP D 131 4.38 24.88 26.27
C ASP D 131 4.03 24.79 27.75
N THR D 132 3.18 25.69 28.24
CA THR D 132 2.75 25.67 29.65
C THR D 132 1.98 24.40 30.00
N TYR D 133 1.14 23.96 29.07
CA TYR D 133 0.42 22.70 29.23
C TYR D 133 1.36 21.50 29.34
N LEU D 134 2.40 21.47 28.50
CA LEU D 134 3.32 20.35 28.44
C LEU D 134 4.17 20.35 29.72
N GLY D 135 4.52 21.55 30.19
CA GLY D 135 5.44 21.69 31.34
C GLY D 135 6.66 20.85 31.06
N GLY D 136 7.17 20.19 32.09
CA GLY D 136 8.34 19.34 31.93
C GLY D 136 8.05 17.90 31.56
N ARG D 137 6.82 17.59 31.18
CA ARG D 137 6.43 16.17 30.95
C ARG D 137 7.01 15.66 29.63
N GLU D 138 7.13 14.35 29.51
CA GLU D 138 7.68 13.71 28.32
C GLU D 138 6.73 13.88 27.12
N TRP D 139 5.45 13.55 27.35
CA TRP D 139 4.44 13.64 26.29
C TRP D 139 3.32 14.57 26.71
N LEU D 140 2.51 14.96 25.73
CA LEU D 140 1.43 15.89 26.01
C LEU D 140 0.38 15.34 27.01
N ILE D 141 0.04 14.05 26.90
CA ILE D 141 -1.01 13.42 27.73
C ILE D 141 -0.45 12.11 28.32
N GLY D 142 -0.53 11.94 29.64
CA GLY D 142 -0.14 10.68 30.25
C GLY D 142 1.32 10.30 30.18
N ASN D 143 1.60 9.01 30.29
CA ASN D 143 2.98 8.57 30.45
C ASN D 143 3.62 8.07 29.20
N SER D 144 2.85 8.02 28.11
CA SER D 144 3.33 7.50 26.86
C SER D 144 2.76 8.30 25.67
N VAL D 145 3.33 8.02 24.50
CA VAL D 145 2.98 8.80 23.27
C VAL D 145 1.52 8.54 22.94
N THR D 146 0.84 9.57 22.46
CA THR D 146 -0.52 9.45 21.97
C THR D 146 -0.57 10.06 20.57
N TRP D 147 -1.71 9.91 19.91
CA TRP D 147 -1.86 10.60 18.63
C TRP D 147 -1.89 12.13 18.69
N ALA D 148 -2.15 12.74 19.85
CA ALA D 148 -1.98 14.20 19.99
C ALA D 148 -0.53 14.64 19.84
N ASP D 149 0.45 13.85 20.30
CA ASP D 149 1.87 14.17 20.06
C ASP D 149 2.17 14.11 18.57
N PHE D 150 1.64 13.07 17.93
CA PHE D 150 1.70 12.99 16.45
C PHE D 150 1.18 14.25 15.77
N TYR D 151 0.00 14.68 16.18
CA TYR D 151 -0.63 15.82 15.55
C TYR D 151 0.15 17.10 15.79
N TRP D 152 0.71 17.24 17.00
CA TRP D 152 1.59 18.40 17.28
C TRP D 152 2.74 18.39 16.26
N GLU D 153 3.39 17.25 16.08
CA GLU D 153 4.53 17.20 15.17
C GLU D 153 4.12 17.56 13.74
N ILE D 154 2.97 17.03 13.32
CA ILE D 154 2.44 17.21 11.96
C ILE D 154 2.10 18.70 11.69
N CYS D 155 1.37 19.30 12.63
CA CYS D 155 0.98 20.71 12.54
C CYS D 155 2.20 21.64 12.58
N SER D 156 3.08 21.46 13.58
CA SER D 156 4.26 22.33 13.71
C SER D 156 5.21 22.19 12.51
N THR D 157 5.32 21.00 11.93
CA THR D 157 6.09 20.82 10.68
C THR D 157 5.60 21.78 9.62
N THR D 158 4.30 21.86 9.39
CA THR D 158 3.77 22.75 8.35
C THR D 158 3.89 24.22 8.72
N LEU D 159 3.63 24.55 9.97
CA LEU D 159 3.78 25.95 10.38
C LEU D 159 5.22 26.44 10.31
N LEU D 160 6.16 25.57 10.65
CA LEU D 160 7.58 25.93 10.50
C LEU D 160 8.02 26.26 9.07
N VAL D 161 7.36 25.67 8.07
CA VAL D 161 7.63 26.06 6.68
C VAL D 161 7.47 27.58 6.51
N PHE D 162 6.42 28.13 7.11
CA PHE D 162 6.09 29.56 6.87
C PHE D 162 6.64 30.47 7.92
N LYS D 163 7.02 29.91 9.06
CA LYS D 163 7.52 30.73 10.17
C LYS D 163 8.60 29.95 10.82
N PRO D 164 9.81 29.95 10.23
CA PRO D 164 10.91 29.15 10.77
C PRO D 164 11.26 29.32 12.24
N ASP D 165 11.09 30.53 12.81
CA ASP D 165 11.41 30.79 14.22
C ASP D 165 10.25 30.55 15.21
N LEU D 166 9.20 29.88 14.74
CA LEU D 166 8.00 29.59 15.52
C LEU D 166 8.30 29.12 16.96
N LEU D 167 9.26 28.21 17.10
CA LEU D 167 9.53 27.55 18.37
C LEU D 167 10.85 27.98 19.02
N ASP D 168 11.40 29.11 18.57
CA ASP D 168 12.69 29.52 19.11
C ASP D 168 12.61 29.86 20.61
N ASN D 169 11.44 30.22 21.10
CA ASN D 169 11.23 30.45 22.52
C ASN D 169 10.69 29.24 23.29
N HIS D 170 10.58 28.09 22.62
CA HIS D 170 9.89 26.94 23.20
C HIS D 170 10.65 25.66 22.97
N PRO D 171 11.90 25.58 23.48
CA PRO D 171 12.69 24.39 23.23
C PRO D 171 12.03 23.05 23.69
N ARG D 172 11.16 23.06 24.70
CA ARG D 172 10.48 21.81 25.12
C ARG D 172 9.52 21.29 24.05
N LEU D 173 9.00 22.19 23.25
CA LEU D 173 8.08 21.82 22.14
C LEU D 173 8.88 21.27 20.96
N VAL D 174 10.12 21.73 20.80
CA VAL D 174 11.05 21.17 19.84
C VAL D 174 11.48 19.74 20.23
N THR D 175 11.75 19.54 21.52
CA THR D 175 12.12 18.24 22.05
C THR D 175 11.01 17.21 21.78
N LEU D 176 9.78 17.62 22.03
CA LEU D 176 8.64 16.76 21.74
C LEU D 176 8.58 16.37 20.26
N ARG D 177 8.77 17.32 19.36
CA ARG D 177 8.88 16.98 17.92
C ARG D 177 9.93 15.93 17.67
N LYS D 178 11.11 16.13 18.22
CA LYS D 178 12.20 15.24 17.95
C LYS D 178 11.93 13.85 18.49
N LYS D 179 11.31 13.80 19.64
CA LYS D 179 10.91 12.51 20.20
C LYS D 179 9.88 11.75 19.30
N VAL D 180 8.86 12.44 18.79
CA VAL D 180 7.94 11.80 17.84
C VAL D 180 8.71 11.32 16.59
N GLN D 181 9.61 12.14 16.06
CA GLN D 181 10.35 11.88 14.82
C GLN D 181 11.32 10.71 14.99
N ALA D 182 11.72 10.47 16.23
CA ALA D 182 12.61 9.37 16.60
C ALA D 182 11.95 8.01 16.82
N ILE D 183 10.63 8.00 16.99
CA ILE D 183 9.90 6.72 17.04
C ILE D 183 10.18 5.93 15.76
N PRO D 184 10.69 4.70 15.88
CA PRO D 184 11.21 4.09 14.65
C PRO D 184 10.23 3.94 13.46
N ALA D 185 8.98 3.55 13.72
CA ALA D 185 8.03 3.40 12.66
C ALA D 185 7.70 4.77 12.00
N VAL D 186 7.67 5.80 12.83
CA VAL D 186 7.40 7.16 12.36
C VAL D 186 8.62 7.67 11.59
N ALA D 187 9.81 7.49 12.16
CA ALA D 187 11.07 7.86 11.47
C ALA D 187 11.10 7.28 10.08
N ASN D 188 10.77 5.99 9.99
CA ASN D 188 10.78 5.30 8.72
C ASN D 188 9.81 5.92 7.71
N TRP D 189 8.59 6.21 8.17
CA TRP D 189 7.60 6.84 7.31
C TRP D 189 8.06 8.23 6.87
N ILE D 190 8.56 9.05 7.82
CA ILE D 190 9.03 10.38 7.49
C ILE D 190 10.10 10.35 6.40
N LYS D 191 10.97 9.36 6.44
CA LYS D 191 12.05 9.23 5.46
C LYS D 191 11.56 8.79 4.07
N ARG D 192 10.57 7.93 4.02
CA ARG D 192 10.12 7.35 2.76
C ARG D 192 8.96 8.04 2.08
N ARG D 193 8.19 8.83 2.85
CA ARG D 193 7.04 9.48 2.30
C ARG D 193 7.37 10.45 1.15
N PRO D 194 6.42 10.63 0.22
CA PRO D 194 6.63 11.64 -0.83
C PRO D 194 6.88 13.00 -0.25
N GLN D 195 7.88 13.70 -0.81
CA GLN D 195 8.26 15.01 -0.33
C GLN D 195 7.42 16.05 -1.00
N THR D 196 6.59 16.69 -0.20
CA THR D 196 5.67 17.72 -0.63
C THR D 196 5.82 18.93 0.26
N LYS D 197 5.51 20.12 -0.25
CA LYS D 197 5.67 21.33 0.56
C LYS D 197 4.80 21.29 1.82
N LEU D 198 3.53 20.94 1.62
CA LEU D 198 2.54 20.93 2.66
C LEU D 198 1.97 19.52 2.85
N1 GSH E . 11.80 -19.54 -8.88
CA1 GSH E . 11.02 -20.17 -7.78
C1 GSH E . 9.53 -19.92 -8.03
O11 GSH E . 8.62 -20.55 -7.44
O12 GSH E . 9.26 -19.04 -8.91
CB1 GSH E . 11.55 -19.63 -6.44
CG1 GSH E . 11.04 -20.44 -5.27
CD1 GSH E . 11.47 -19.83 -3.93
OE1 GSH E . 12.67 -19.83 -3.62
N2 GSH E . 10.51 -19.33 -3.13
CA2 GSH E . 10.79 -18.79 -1.82
C2 GSH E . 11.00 -19.82 -0.72
O2 GSH E . 10.30 -20.84 -0.70
CB2 GSH E . 9.65 -17.92 -1.33
SG2 GSH E . 9.53 -16.38 -2.30
N3 GSH E . 11.90 -19.43 0.22
CA3 GSH E . 12.16 -20.03 1.52
C3 GSH E . 13.09 -19.17 2.38
O31 GSH E . 13.22 -19.39 3.62
O32 GSH E . 13.71 -18.21 1.86
C5 93C F . 9.07 -12.02 -8.37
C3 93C F . 8.87 -11.36 -6.06
C6 93C F . 8.03 -11.16 -8.68
C1 93C F . 7.44 -10.41 -7.67
C17 93C F . 10.76 -15.25 1.24
C9 93C F . 8.90 -10.90 -2.39
C4 93C F . 9.48 -12.15 -7.05
C13 93C F . 10.06 -12.13 -0.54
C7 93C F . 9.21 -11.52 -4.63
C18 93C F . 10.99 -15.88 2.48
O27 93C F . 13.27 -14.44 5.24
C23 93C F . 12.55 -15.36 5.57
C24 93C F . 12.88 -16.30 6.70
C25 93C F . 11.95 -17.48 6.41
C26 93C F . 11.31 -17.15 5.07
N22 93C F . 11.37 -15.67 4.94
C19 93C F . 11.16 -15.11 3.64
C20 93C F . 11.05 -13.72 3.50
C21 93C F . 10.82 -13.12 2.25
C16 93C F . 10.65 -13.87 1.10
N15 93C F . 10.39 -13.39 -0.16
O14 93C F . 9.90 -11.16 0.19
C10 93C F . 9.78 -11.90 -2.01
N8 93C F . 8.63 -10.73 -3.69
C11 93C F . 10.37 -12.70 -2.99
N12 93C F . 10.08 -12.50 -4.27
N2 93C F . 7.86 -10.54 -6.38
C1 GOL G . -0.29 -1.77 0.76
O1 GOL G . 0.98 -2.36 0.90
C2 GOL G . -0.90 -2.25 -0.56
O2 GOL G . -0.81 -3.66 -0.61
C3 GOL G . -2.37 -1.83 -0.64
O3 GOL G . -2.94 -2.27 -1.89
C1 GOL H . -12.78 -21.32 -3.38
O1 GOL H . -13.94 -20.54 -3.55
C2 GOL H . -13.07 -22.37 -2.30
O2 GOL H . -14.15 -23.23 -2.63
C3 GOL H . -11.85 -23.27 -2.11
O3 GOL H . -12.17 -24.13 -0.98
MG MG I . 14.31 -18.46 -14.30
N1 GSH J . 18.19 -15.93 -18.15
CA1 GSH J . 18.96 -15.55 -19.33
C1 GSH J . 19.14 -16.73 -20.28
O11 GSH J . 19.11 -17.88 -19.80
O12 GSH J . 19.33 -16.52 -21.51
CB1 GSH J . 20.32 -15.03 -18.93
CG1 GSH J . 20.99 -14.30 -20.10
CD1 GSH J . 22.29 -13.68 -19.61
OE1 GSH J . 22.25 -12.97 -18.62
N2 GSH J . 23.40 -14.00 -20.29
CA2 GSH J . 24.73 -13.48 -19.97
C2 GSH J . 24.93 -12.18 -20.70
O2 GSH J . 24.68 -12.10 -21.88
CB2 GSH J . 25.83 -14.51 -20.35
SG2 GSH J . 25.72 -16.17 -19.59
N3 GSH J . 25.42 -11.10 -20.07
CA3 GSH J . 25.69 -9.90 -20.85
C3 GSH J . 25.83 -8.62 -20.07
O31 GSH J . 26.67 -7.76 -20.47
O32 GSH J . 25.07 -8.45 -19.09
C5 93C K . 23.20 -22.50 -16.50
C3 93C K . 25.50 -21.82 -16.75
C6 93C K . 23.61 -23.83 -16.53
C1 93C K . 24.96 -24.11 -16.68
C17 93C K . 29.24 -14.11 -18.16
C9 93C K . 28.66 -20.05 -17.56
C4 93C K . 24.15 -21.49 -16.62
C13 93C K . 29.41 -17.65 -17.33
C7 93C K . 26.52 -20.73 -16.89
C18 93C K . 30.00 -12.96 -18.34
O27 93C K . 32.85 -11.55 -16.24
C23 93C K . 33.12 -11.64 -17.42
C24 93C K . 34.53 -11.56 -17.94
C25 93C K . 34.35 -11.67 -19.45
C26 93C K . 32.85 -11.84 -19.70
N22 93C K . 32.15 -11.81 -18.39
C19 93C K . 31.40 -13.00 -18.21
C20 93C K . 32.00 -14.22 -17.90
C21 93C K . 31.24 -15.37 -17.72
C16 93C K . 29.83 -15.33 -17.86
N15 93C K . 29.02 -16.42 -17.69
O14 93C K . 30.57 -17.97 -17.12
C10 93C K . 28.38 -18.74 -17.18
N8 93C K . 27.74 -21.01 -17.42
C11 93C K . 27.12 -18.47 -16.64
N12 93C K . 26.23 -19.46 -16.51
N2 93C K . 25.86 -23.13 -16.78
MG MG L . -12.90 20.82 14.46
N1 GSH M . -13.41 24.62 19.10
CA1 GSH M . -13.45 25.25 20.42
C1 GSH M . -14.62 24.68 21.20
O11 GSH M . -14.61 24.70 22.47
O12 GSH M . -15.56 24.17 20.54
CB1 GSH M . -13.57 26.76 20.21
CG1 GSH M . -13.67 27.54 21.54
CD1 GSH M . -13.72 29.03 21.27
OE1 GSH M . -13.05 29.51 20.38
N2 GSH M . -14.52 29.76 22.07
CA2 GSH M . -14.72 31.19 21.92
C2 GSH M . -13.82 31.96 22.86
O2 GSH M . -13.54 31.49 23.96
CB2 GSH M . -16.20 31.51 22.20
SG2 GSH M . -17.39 30.76 21.02
N3 GSH M . -13.35 33.15 22.47
CA3 GSH M . -12.53 33.97 23.35
C3 GSH M . -12.06 35.27 22.72
O31 GSH M . -10.86 35.60 22.86
O32 GSH M . -12.90 35.97 22.10
C5 93C N . -21.11 25.88 16.77
C3 93C N . -21.72 28.13 17.42
C6 93C N . -22.46 25.53 16.79
C1 93C N . -23.39 26.49 17.13
C17 93C N . -16.97 34.45 20.40
C9 93C N . -21.90 31.64 18.63
C4 93C N . -20.73 27.18 17.09
C13 93C N . -20.14 33.42 19.01
C7 93C N . -21.32 29.51 17.80
C18 93C N . -16.14 35.51 20.74
O27 93C N . -16.31 39.40 19.53
C23 93C N . -15.86 39.12 20.63
C24 93C N . -15.46 40.20 21.61
C25 93C N . -15.09 39.40 22.85
C26 93C N . -15.57 37.96 22.58
N22 93C N . -15.66 37.83 21.10
C19 93C N . -16.61 36.83 20.73
C20 93C N . -17.96 37.04 20.38
C21 93C N . -18.80 35.97 20.03
C16 93C N . -18.31 34.64 20.04
N15 93C N . -19.00 33.52 19.71
O14 93C N . -20.88 34.36 18.77
C10 93C N . -20.56 32.04 18.57
N8 93C N . -22.24 30.40 18.25
C11 93C N . -19.62 31.10 18.13
N12 93C N . -20.01 29.87 17.76
N2 93C N . -23.02 27.74 17.44
N1 GSH O . -12.10 19.10 8.90
CA1 GSH O . -12.02 18.33 7.65
C1 GSH O . -11.05 17.16 7.82
O11 GSH O . -10.28 17.26 8.80
O12 GSH O . -11.08 16.16 7.07
CB1 GSH O . -11.65 19.24 6.50
CG1 GSH O . -11.98 18.60 5.15
CD1 GSH O . -11.51 19.51 4.02
OE1 GSH O . -12.10 20.57 3.86
N2 GSH O . -10.52 19.06 3.23
CA2 GSH O . -10.09 19.79 2.04
C2 GSH O . -10.97 19.61 0.81
O2 GSH O . -11.56 18.55 0.61
CB2 GSH O . -8.72 19.31 1.61
SG2 GSH O . -7.42 19.99 2.67
N3 GSH O . -10.92 20.67 -0.01
CA3 GSH O . -11.48 20.73 -1.36
C3 GSH O . -11.10 22.05 -2.03
O31 GSH O . -11.23 22.17 -3.28
O32 GSH O . -10.65 22.97 -1.32
C5 93C P . -4.37 20.59 9.43
C3 93C P . -3.38 21.12 7.29
C6 93C P . -3.15 20.08 9.84
C1 93C P . -2.07 20.11 8.97
C17 93C P . -6.88 22.20 -0.19
C9 93C P . -2.56 21.97 3.76
C4 93C P . -4.50 21.10 8.13
C13 93C P . -3.98 22.74 1.84
C7 93C P . -3.51 21.60 5.88
C18 93C P . -7.52 22.35 -1.40
O27 93C P . -7.29 25.30 -3.93
C23 93C P . -7.66 24.22 -4.37
C24 93C P . -8.08 24.01 -5.80
C25 93C P . -8.31 22.50 -5.86
C26 93C P . -7.64 21.96 -4.58
N22 93C P . -7.77 23.08 -3.61
C19 93C P . -6.93 23.00 -2.47
C20 93C P . -5.64 23.53 -2.26
C21 93C P . -4.98 23.37 -1.02
C16 93C P . -5.62 22.69 0.03
N15 93C P . -5.16 22.43 1.29
O14 93C P . -3.04 23.29 1.30
C10 93C P . -3.81 22.32 3.27
N8 93C P . -2.45 21.60 5.05
C11 93C P . -4.90 22.31 4.14
N12 93C P . -4.73 21.93 5.41
N2 93C P . -2.19 20.63 7.72
C1 GOL Q . 2.84 3.19 2.94
O1 GOL Q . 4.02 2.70 2.28
C2 GOL Q . 2.32 2.02 3.77
O2 GOL Q . 3.43 1.20 4.24
C3 GOL Q . 1.40 1.22 2.86
O3 GOL Q . 1.00 0.07 3.60
#